data_1IYR
#
_entry.id   1IYR
#
_entity_poly.entity_id   1
_entity_poly.type   'polypeptide(L)'
_entity_poly.pdbx_seq_one_letter_code
;GSHMTGISRETSSDVALASHILTALREKQAPELSLSSQDLELVTKEDPKALAVALNWDIKKTETVQEACERELALRLQQT
QSLHSLRSISASKASPPGDLQNPKRARQDPT
;
_entity_poly.pdbx_strand_id   A
#
# COMPACT_ATOMS: atom_id res chain seq x y z
N THR A 5 -0.61 22.49 -0.42
CA THR A 5 -0.58 21.87 0.89
C THR A 5 0.72 21.09 1.09
N GLY A 6 1.06 20.24 0.14
CA GLY A 6 2.28 19.46 0.22
C GLY A 6 2.11 18.18 1.03
N ILE A 7 0.94 18.02 1.66
CA ILE A 7 0.67 16.84 2.45
C ILE A 7 -0.75 16.31 2.22
N SER A 8 -0.99 15.07 2.61
CA SER A 8 -2.31 14.45 2.43
C SER A 8 -3.19 14.70 3.65
N ARG A 9 -4.49 14.85 3.40
CA ARG A 9 -5.45 15.08 4.48
C ARG A 9 -6.31 13.85 4.73
N GLU A 10 -7.14 13.91 5.76
CA GLU A 10 -8.03 12.80 6.11
C GLU A 10 -8.79 12.30 4.88
N THR A 11 -9.55 11.22 5.06
CA THR A 11 -10.33 10.64 3.97
C THR A 11 -11.06 11.72 3.16
N SER A 12 -10.41 12.15 2.08
CA SER A 12 -10.97 13.19 1.22
C SER A 12 -11.13 12.68 -0.21
N SER A 13 -11.69 13.53 -1.07
CA SER A 13 -11.91 13.19 -2.47
C SER A 13 -10.62 12.65 -3.09
N ASP A 14 -10.70 12.20 -4.35
CA ASP A 14 -9.56 11.64 -5.04
C ASP A 14 -8.31 12.47 -4.78
N VAL A 15 -7.50 11.96 -3.88
CA VAL A 15 -6.26 12.59 -3.48
C VAL A 15 -5.10 12.00 -4.23
N ALA A 16 -4.57 12.76 -5.16
CA ALA A 16 -3.44 12.28 -5.91
C ALA A 16 -2.31 12.00 -4.93
N LEU A 17 -2.21 10.72 -4.58
CA LEU A 17 -1.21 10.21 -3.63
C LEU A 17 -0.16 11.24 -3.25
N ALA A 18 -0.42 11.95 -2.16
CA ALA A 18 0.49 12.97 -1.65
C ALA A 18 1.79 12.34 -1.16
N SER A 19 2.82 13.16 -1.00
CA SER A 19 4.11 12.68 -0.54
C SER A 19 3.97 11.94 0.79
N HIS A 20 3.00 12.38 1.60
CA HIS A 20 2.76 11.77 2.91
C HIS A 20 2.54 10.26 2.78
N ILE A 21 1.97 9.84 1.65
CA ILE A 21 1.74 8.42 1.40
C ILE A 21 3.00 7.76 0.88
N LEU A 22 3.78 8.53 0.12
CA LEU A 22 5.04 8.04 -0.44
C LEU A 22 6.13 7.98 0.63
N THR A 23 6.04 8.85 1.64
CA THR A 23 7.03 8.89 2.71
C THR A 23 6.99 7.59 3.52
N ALA A 24 5.80 7.21 3.94
CA ALA A 24 5.62 5.98 4.69
C ALA A 24 5.84 4.78 3.79
N LEU A 25 5.49 4.92 2.51
CA LEU A 25 5.69 3.84 1.55
C LEU A 25 7.18 3.63 1.37
N ARG A 26 7.89 4.73 1.21
CA ARG A 26 9.33 4.72 1.05
C ARG A 26 9.97 4.09 2.28
N GLU A 27 9.26 4.11 3.41
CA GLU A 27 9.81 3.58 4.65
C GLU A 27 8.91 2.54 5.33
N LYS A 28 7.84 2.99 6.03
CA LYS A 28 6.99 2.03 6.77
C LYS A 28 5.47 2.23 6.61
N GLN A 29 4.95 2.26 5.40
CA GLN A 29 3.50 2.37 5.21
C GLN A 29 2.90 0.97 5.25
N ALA A 30 1.89 0.74 6.11
CA ALA A 30 1.31 -0.58 6.21
C ALA A 30 0.17 -0.80 5.23
N PRO A 31 0.46 -1.46 4.11
CA PRO A 31 -0.51 -1.80 3.10
C PRO A 31 -1.12 -3.14 3.47
N GLU A 32 -1.27 -3.37 4.78
CA GLU A 32 -1.89 -4.60 5.27
C GLU A 32 -3.24 -4.29 5.89
N LEU A 33 -3.18 -3.69 7.08
CA LEU A 33 -4.38 -3.31 7.82
C LEU A 33 -4.39 -1.81 8.09
N SER A 34 -3.22 -1.18 8.05
CA SER A 34 -3.13 0.25 8.33
C SER A 34 -3.95 1.06 7.33
N LEU A 35 -4.09 0.55 6.11
CA LEU A 35 -4.87 1.30 5.12
C LEU A 35 -6.28 0.75 4.97
N SER A 36 -7.06 1.34 4.08
CA SER A 36 -8.42 0.93 3.85
C SER A 36 -8.53 0.20 2.51
N SER A 37 -9.74 0.16 1.98
CA SER A 37 -10.01 -0.52 0.73
C SER A 37 -9.38 0.19 -0.48
N GLN A 38 -9.54 1.51 -0.56
CA GLN A 38 -9.00 2.27 -1.70
C GLN A 38 -7.49 2.47 -1.60
N ASP A 39 -6.97 2.61 -0.39
CA ASP A 39 -5.54 2.81 -0.22
C ASP A 39 -4.77 1.58 -0.67
N LEU A 40 -5.20 0.42 -0.19
CA LEU A 40 -4.56 -0.83 -0.56
C LEU A 40 -4.89 -1.19 -2.01
N GLU A 41 -6.07 -0.77 -2.46
CA GLU A 41 -6.50 -1.03 -3.84
C GLU A 41 -5.67 -0.22 -4.81
N LEU A 42 -5.68 1.11 -4.64
CA LEU A 42 -4.90 1.99 -5.51
C LEU A 42 -3.45 1.58 -5.51
N VAL A 43 -2.99 1.09 -4.36
CA VAL A 43 -1.61 0.63 -4.22
C VAL A 43 -1.44 -0.70 -4.96
N THR A 44 -2.49 -1.52 -4.94
CA THR A 44 -2.48 -2.81 -5.62
C THR A 44 -2.40 -2.61 -7.14
N LYS A 45 -2.84 -1.44 -7.59
CA LYS A 45 -2.80 -1.09 -8.99
C LYS A 45 -1.54 -0.29 -9.27
N GLU A 46 -0.82 0.02 -8.19
CA GLU A 46 0.44 0.72 -8.27
C GLU A 46 1.53 -0.26 -7.92
N ASP A 47 1.80 -1.15 -8.86
CA ASP A 47 2.80 -2.21 -8.68
C ASP A 47 4.16 -1.63 -8.35
N PRO A 48 5.10 -2.49 -7.91
CA PRO A 48 6.45 -2.09 -7.51
C PRO A 48 7.09 -1.11 -8.50
N LYS A 49 6.81 -1.26 -9.79
CA LYS A 49 7.38 -0.36 -10.79
C LYS A 49 7.33 1.10 -10.32
N ALA A 50 6.14 1.56 -9.95
CA ALA A 50 5.97 2.92 -9.46
C ALA A 50 6.16 2.97 -7.94
N LEU A 51 5.41 2.12 -7.25
CA LEU A 51 5.46 2.06 -5.80
C LEU A 51 6.90 1.93 -5.32
N ALA A 52 7.72 1.21 -6.08
CA ALA A 52 9.12 1.04 -5.72
C ALA A 52 9.85 2.37 -5.81
N VAL A 53 9.63 3.08 -6.90
CA VAL A 53 10.27 4.37 -7.10
C VAL A 53 10.05 5.26 -5.88
N ALA A 54 8.89 5.14 -5.22
CA ALA A 54 8.61 5.91 -4.03
C ALA A 54 9.37 5.33 -2.86
N LEU A 55 9.57 4.03 -2.89
CA LEU A 55 10.31 3.36 -1.87
C LEU A 55 11.57 2.83 -2.49
N ASN A 56 12.20 3.63 -3.33
CA ASN A 56 13.39 3.18 -4.04
C ASN A 56 14.26 2.28 -3.17
N TRP A 57 13.93 1.01 -3.28
CA TRP A 57 14.62 -0.08 -2.61
C TRP A 57 14.80 -1.14 -3.66
N ASP A 58 15.21 -2.34 -3.28
CA ASP A 58 15.31 -3.41 -4.25
C ASP A 58 13.89 -3.80 -4.64
N ILE A 59 13.63 -4.03 -5.91
CA ILE A 59 12.29 -4.38 -6.33
C ILE A 59 11.83 -5.59 -5.55
N LYS A 60 12.75 -6.54 -5.37
CA LYS A 60 12.43 -7.73 -4.64
C LYS A 60 12.10 -7.39 -3.19
N LYS A 61 12.75 -6.35 -2.69
CA LYS A 61 12.53 -5.89 -1.33
C LYS A 61 11.22 -5.11 -1.21
N THR A 62 10.96 -4.24 -2.19
CA THR A 62 9.74 -3.45 -2.19
C THR A 62 8.56 -4.37 -2.40
N GLU A 63 8.78 -5.43 -3.19
CA GLU A 63 7.74 -6.40 -3.44
C GLU A 63 7.47 -7.22 -2.19
N THR A 64 8.53 -7.54 -1.46
CA THR A 64 8.41 -8.32 -0.24
C THR A 64 7.42 -7.65 0.71
N VAL A 65 7.53 -6.33 0.83
CA VAL A 65 6.61 -5.58 1.68
C VAL A 65 5.21 -5.64 1.07
N GLN A 66 5.19 -5.66 -0.26
CA GLN A 66 3.94 -5.73 -1.00
C GLN A 66 3.29 -7.11 -0.87
N GLU A 67 4.12 -8.14 -0.77
CA GLU A 67 3.63 -9.52 -0.64
C GLU A 67 3.02 -9.72 0.74
N ALA A 68 3.63 -9.10 1.74
CA ALA A 68 3.13 -9.19 3.11
C ALA A 68 1.86 -8.37 3.27
N CYS A 69 1.89 -7.15 2.74
CA CYS A 69 0.76 -6.23 2.82
C CYS A 69 -0.53 -6.85 2.28
N GLU A 70 -0.44 -7.53 1.15
CA GLU A 70 -1.61 -8.17 0.53
C GLU A 70 -2.07 -9.36 1.37
N ARG A 71 -1.16 -10.28 1.63
CA ARG A 71 -1.47 -11.46 2.42
C ARG A 71 -2.10 -11.06 3.75
N GLU A 72 -1.78 -9.84 4.21
CA GLU A 72 -2.31 -9.33 5.45
C GLU A 72 -3.76 -8.87 5.28
N LEU A 73 -4.03 -8.24 4.14
CA LEU A 73 -5.36 -7.73 3.85
C LEU A 73 -6.41 -8.83 3.89
N ALA A 74 -6.10 -9.98 3.29
CA ALA A 74 -7.04 -11.10 3.26
C ALA A 74 -7.06 -11.85 4.59
N LEU A 75 -5.89 -11.95 5.23
CA LEU A 75 -5.79 -12.65 6.50
C LEU A 75 -6.55 -11.91 7.59
N ARG A 76 -6.33 -10.60 7.67
CA ARG A 76 -7.01 -9.78 8.67
C ARG A 76 -8.51 -9.76 8.44
N LEU A 77 -8.91 -9.90 7.17
CA LEU A 77 -10.32 -9.90 6.81
C LEU A 77 -10.98 -11.23 7.17
N GLN A 78 -10.17 -12.29 7.22
CA GLN A 78 -10.67 -13.63 7.55
C GLN A 78 -11.34 -13.67 8.93
N GLN A 79 -11.13 -12.64 9.73
CA GLN A 79 -11.71 -12.58 11.08
C GLN A 79 -13.21 -12.91 11.05
N THR A 80 -13.85 -12.68 9.90
CA THR A 80 -15.29 -12.93 9.76
C THR A 80 -15.57 -14.39 9.36
N GLN A 81 -14.52 -15.19 9.23
CA GLN A 81 -14.67 -16.59 8.84
C GLN A 81 -15.47 -17.36 9.89
N SER A 82 -16.10 -18.46 9.46
CA SER A 82 -16.89 -19.28 10.36
C SER A 82 -16.01 -19.98 11.39
N LEU A 83 -16.64 -20.74 12.27
CA LEU A 83 -15.92 -21.46 13.32
C LEU A 83 -14.98 -22.48 12.72
N HIS A 84 -14.08 -23.01 13.55
CA HIS A 84 -13.10 -23.99 13.10
C HIS A 84 -13.70 -25.40 13.11
N SER A 85 -14.82 -25.58 13.81
CA SER A 85 -15.48 -26.87 13.89
C SER A 85 -16.28 -27.15 12.62
N LEU A 86 -16.57 -28.43 12.38
CA LEU A 86 -17.34 -28.83 11.20
C LEU A 86 -18.67 -29.46 11.60
N ARG A 87 -19.65 -29.36 10.72
CA ARG A 87 -20.97 -29.93 10.98
C ARG A 87 -20.97 -31.43 10.78
N THR A 5 5.70 17.29 -8.15
CA THR A 5 6.01 18.14 -7.02
C THR A 5 5.83 17.40 -5.70
N GLY A 6 4.67 16.77 -5.53
CA GLY A 6 4.41 16.03 -4.32
C GLY A 6 3.86 16.90 -3.22
N ILE A 7 3.15 17.96 -3.61
CA ILE A 7 2.57 18.89 -2.64
C ILE A 7 1.09 19.12 -2.93
N SER A 8 0.40 19.71 -1.95
CA SER A 8 -1.04 19.99 -2.08
C SER A 8 -1.36 20.61 -3.44
N ARG A 9 -2.28 19.97 -4.16
CA ARG A 9 -2.68 20.45 -5.48
C ARG A 9 -4.18 20.70 -5.52
N GLU A 10 -4.66 21.28 -6.63
CA GLU A 10 -6.08 21.57 -6.80
C GLU A 10 -6.93 20.34 -6.49
N THR A 11 -8.23 20.57 -6.27
CA THR A 11 -9.15 19.49 -5.95
C THR A 11 -9.10 18.39 -7.03
N SER A 12 -8.85 17.16 -6.60
CA SER A 12 -8.77 16.03 -7.54
C SER A 12 -9.86 15.01 -7.24
N SER A 13 -10.04 14.07 -8.17
CA SER A 13 -11.05 13.03 -8.02
C SER A 13 -10.80 12.21 -6.76
N ASP A 14 -11.80 11.42 -6.37
CA ASP A 14 -11.69 10.58 -5.18
C ASP A 14 -10.59 9.55 -5.36
N VAL A 15 -9.43 9.87 -4.84
CA VAL A 15 -8.26 8.99 -4.91
C VAL A 15 -7.35 9.23 -3.73
N ALA A 16 -7.11 8.19 -2.95
CA ALA A 16 -6.25 8.34 -1.81
C ALA A 16 -4.81 8.47 -2.29
N LEU A 17 -4.40 9.72 -2.42
CA LEU A 17 -3.04 10.06 -2.86
C LEU A 17 -2.54 11.27 -2.08
N ALA A 18 -1.59 11.02 -1.18
CA ALA A 18 -0.99 12.09 -0.38
C ALA A 18 0.53 11.93 -0.31
N SER A 19 1.28 13.00 -0.57
CA SER A 19 2.73 12.93 -0.50
C SER A 19 3.16 12.29 0.82
N HIS A 20 2.36 12.51 1.85
CA HIS A 20 2.60 11.95 3.18
C HIS A 20 2.59 10.42 3.13
N ILE A 21 2.01 9.87 2.07
CA ILE A 21 1.98 8.43 1.86
C ILE A 21 3.28 7.97 1.25
N LEU A 22 3.85 8.81 0.39
CA LEU A 22 5.10 8.49 -0.29
C LEU A 22 6.26 8.42 0.70
N THR A 23 6.34 9.39 1.60
CA THR A 23 7.40 9.42 2.61
C THR A 23 7.39 8.13 3.43
N ALA A 24 6.18 7.71 3.79
CA ALA A 24 5.99 6.47 4.54
C ALA A 24 6.22 5.28 3.62
N LEU A 25 5.91 5.45 2.34
CA LEU A 25 6.09 4.38 1.37
C LEU A 25 7.57 4.09 1.17
N ARG A 26 8.36 5.17 1.08
CA ARG A 26 9.80 5.07 0.91
C ARG A 26 10.47 4.47 2.15
N GLU A 27 9.70 4.37 3.23
CA GLU A 27 10.23 3.84 4.49
C GLU A 27 9.30 2.79 5.12
N LYS A 28 8.16 3.27 5.62
CA LYS A 28 7.18 2.42 6.30
C LYS A 28 6.82 1.17 5.48
N GLN A 29 6.23 0.18 6.17
CA GLN A 29 5.80 -1.08 5.55
C GLN A 29 4.44 -0.86 4.88
N ALA A 30 4.23 -1.52 3.75
CA ALA A 30 3.03 -1.38 2.95
C ALA A 30 1.75 -1.24 3.73
N PRO A 31 0.67 -0.93 2.99
CA PRO A 31 -0.65 -0.78 3.57
C PRO A 31 -1.00 -1.93 4.48
N GLU A 32 -0.35 -3.10 4.32
CA GLU A 32 -0.63 -4.25 5.16
C GLU A 32 -0.68 -3.83 6.59
N LEU A 33 0.41 -3.19 7.02
CA LEU A 33 0.53 -2.77 8.37
C LEU A 33 0.55 -1.25 8.54
N SER A 34 0.79 -0.50 7.45
CA SER A 34 0.84 0.95 7.56
C SER A 34 -0.49 1.63 7.23
N LEU A 35 -1.27 1.03 6.35
CA LEU A 35 -2.54 1.65 5.92
C LEU A 35 -3.75 0.73 6.10
N SER A 36 -4.88 1.14 5.52
CA SER A 36 -6.12 0.39 5.64
C SER A 36 -6.47 -0.34 4.33
N SER A 37 -7.74 -0.72 4.24
CA SER A 37 -8.28 -1.47 3.11
C SER A 37 -8.00 -0.82 1.76
N GLN A 38 -8.46 0.41 1.56
CA GLN A 38 -8.28 1.10 0.29
C GLN A 38 -6.83 1.26 -0.08
N ASP A 39 -5.96 1.39 0.91
CA ASP A 39 -4.55 1.57 0.65
C ASP A 39 -3.92 0.30 0.10
N LEU A 40 -4.09 -0.84 0.78
CA LEU A 40 -3.52 -2.10 0.29
C LEU A 40 -3.97 -2.36 -1.14
N GLU A 41 -5.18 -1.90 -1.48
CA GLU A 41 -5.73 -2.09 -2.81
C GLU A 41 -5.09 -1.16 -3.84
N LEU A 42 -5.22 0.15 -3.63
CA LEU A 42 -4.65 1.13 -4.56
C LEU A 42 -3.15 0.95 -4.66
N VAL A 43 -2.53 0.58 -3.54
CA VAL A 43 -1.09 0.38 -3.52
C VAL A 43 -0.72 -0.88 -4.30
N THR A 44 -1.57 -1.90 -4.25
CA THR A 44 -1.31 -3.15 -4.98
C THR A 44 -1.27 -2.89 -6.47
N LYS A 45 -2.04 -1.90 -6.92
CA LYS A 45 -2.06 -1.51 -8.32
C LYS A 45 -0.85 -0.65 -8.60
N GLU A 46 -0.13 -0.35 -7.52
CA GLU A 46 1.10 0.40 -7.61
C GLU A 46 2.23 -0.56 -7.34
N ASP A 47 2.46 -1.43 -8.31
CA ASP A 47 3.46 -2.49 -8.20
C ASP A 47 4.88 -1.94 -8.00
N PRO A 48 5.82 -2.84 -7.64
CA PRO A 48 7.23 -2.51 -7.37
C PRO A 48 7.91 -1.67 -8.46
N LYS A 49 7.23 -1.40 -9.56
CA LYS A 49 7.82 -0.59 -10.62
C LYS A 49 7.74 0.89 -10.26
N ALA A 50 6.52 1.35 -10.03
CA ALA A 50 6.29 2.73 -9.63
C ALA A 50 6.48 2.88 -8.14
N LEU A 51 5.91 1.92 -7.40
CA LEU A 51 6.03 1.91 -5.97
C LEU A 51 7.49 2.02 -5.58
N ALA A 52 8.35 1.32 -6.31
CA ALA A 52 9.78 1.35 -6.02
C ALA A 52 10.30 2.78 -6.02
N VAL A 53 10.06 3.50 -7.09
CA VAL A 53 10.52 4.87 -7.19
C VAL A 53 10.12 5.67 -5.95
N ALA A 54 8.93 5.38 -5.39
CA ALA A 54 8.49 6.07 -4.19
C ALA A 54 9.24 5.54 -2.98
N LEU A 55 9.70 4.30 -3.10
CA LEU A 55 10.46 3.68 -2.05
C LEU A 55 11.73 3.13 -2.65
N ASN A 56 12.42 3.96 -3.43
CA ASN A 56 13.62 3.52 -4.12
C ASN A 56 14.42 2.53 -3.29
N TRP A 57 14.05 1.29 -3.50
CA TRP A 57 14.68 0.12 -2.89
C TRP A 57 14.71 -0.94 -3.96
N ASP A 58 15.07 -2.15 -3.60
CA ASP A 58 15.04 -3.23 -4.56
C ASP A 58 13.58 -3.51 -4.91
N ILE A 59 13.23 -3.49 -6.19
CA ILE A 59 11.87 -3.75 -6.57
C ILE A 59 11.43 -5.07 -5.99
N LYS A 60 12.39 -5.95 -5.79
CA LYS A 60 12.12 -7.25 -5.22
C LYS A 60 11.71 -7.08 -3.76
N LYS A 61 12.29 -6.07 -3.12
CA LYS A 61 11.97 -5.76 -1.72
C LYS A 61 10.64 -5.03 -1.63
N THR A 62 10.43 -4.03 -2.50
CA THR A 62 9.19 -3.29 -2.47
C THR A 62 8.07 -4.25 -2.79
N GLU A 63 8.38 -5.21 -3.65
CA GLU A 63 7.43 -6.23 -4.06
C GLU A 63 6.93 -6.98 -2.83
N THR A 64 7.78 -7.07 -1.82
CA THR A 64 7.42 -7.73 -0.57
C THR A 64 6.48 -6.83 0.22
N VAL A 65 6.67 -5.52 0.08
CA VAL A 65 5.83 -4.54 0.75
C VAL A 65 4.43 -4.62 0.17
N GLN A 66 4.33 -4.44 -1.13
CA GLN A 66 3.03 -4.48 -1.78
C GLN A 66 2.35 -5.84 -1.62
N GLU A 67 3.10 -6.92 -1.84
CA GLU A 67 2.54 -8.25 -1.71
C GLU A 67 1.99 -8.46 -0.29
N ALA A 68 2.57 -7.74 0.67
CA ALA A 68 2.15 -7.84 2.06
C ALA A 68 0.77 -7.21 2.28
N CYS A 69 0.59 -5.97 1.83
CA CYS A 69 -0.67 -5.26 2.00
C CYS A 69 -1.84 -6.08 1.46
N GLU A 70 -1.58 -6.74 0.36
CA GLU A 70 -2.57 -7.57 -0.30
C GLU A 70 -2.94 -8.76 0.57
N ARG A 71 -1.91 -9.48 1.03
CA ARG A 71 -2.12 -10.64 1.88
C ARG A 71 -2.93 -10.28 3.11
N GLU A 72 -2.86 -9.02 3.52
CA GLU A 72 -3.60 -8.54 4.68
C GLU A 72 -5.07 -8.36 4.33
N LEU A 73 -5.33 -7.76 3.18
CA LEU A 73 -6.70 -7.53 2.73
C LEU A 73 -7.52 -8.80 2.80
N ALA A 74 -7.02 -9.87 2.17
CA ALA A 74 -7.73 -11.14 2.17
C ALA A 74 -7.76 -11.75 3.56
N LEU A 75 -6.69 -11.54 4.32
CA LEU A 75 -6.60 -12.06 5.68
C LEU A 75 -7.53 -11.30 6.62
N ARG A 76 -7.81 -10.03 6.30
CA ARG A 76 -8.67 -9.20 7.13
C ARG A 76 -10.05 -9.82 7.24
N LEU A 77 -10.51 -10.45 6.15
CA LEU A 77 -11.82 -11.09 6.15
C LEU A 77 -11.81 -12.26 7.12
N GLN A 78 -10.70 -13.00 7.13
CA GLN A 78 -10.55 -14.14 8.02
C GLN A 78 -10.10 -13.70 9.41
N GLN A 79 -9.66 -12.45 9.52
CA GLN A 79 -9.19 -11.90 10.80
C GLN A 79 -10.36 -11.45 11.68
N THR A 80 -11.59 -11.71 11.24
CA THR A 80 -12.78 -11.32 12.01
C THR A 80 -12.63 -11.71 13.47
N GLN A 81 -11.87 -12.77 13.74
CA GLN A 81 -11.66 -13.23 15.10
C GLN A 81 -10.70 -12.30 15.84
N SER A 82 -10.70 -12.40 17.17
CA SER A 82 -9.84 -11.56 18.00
C SER A 82 -8.61 -12.33 18.47
N LEU A 83 -7.43 -11.84 18.10
CA LEU A 83 -6.18 -12.49 18.48
C LEU A 83 -5.62 -11.85 19.75
N HIS A 84 -4.86 -12.63 20.52
CA HIS A 84 -4.26 -12.15 21.76
C HIS A 84 -2.81 -11.71 21.53
N SER A 85 -2.15 -12.33 20.56
CA SER A 85 -0.77 -12.00 20.24
C SER A 85 -0.62 -10.52 19.90
N LEU A 86 0.47 -9.92 20.35
CA LEU A 86 0.73 -8.51 20.10
C LEU A 86 1.23 -8.30 18.67
N ARG A 87 0.35 -7.79 17.82
CA ARG A 87 0.69 -7.55 16.42
C ARG A 87 1.11 -8.84 15.72
N THR A 5 -2.90 23.81 1.00
CA THR A 5 -2.96 22.64 0.15
C THR A 5 -2.27 21.44 0.80
N GLY A 6 -1.07 21.67 1.31
CA GLY A 6 -0.32 20.61 1.96
C GLY A 6 0.54 19.82 0.98
N ILE A 7 0.96 20.48 -0.09
CA ILE A 7 1.79 19.84 -1.10
C ILE A 7 3.24 20.30 -0.99
N SER A 8 4.14 19.35 -0.76
CA SER A 8 5.57 19.64 -0.63
C SER A 8 6.08 20.46 -1.81
N ARG A 9 7.09 21.29 -1.55
CA ARG A 9 7.69 22.13 -2.58
C ARG A 9 8.01 21.32 -3.84
N GLU A 10 8.51 22.00 -4.88
CA GLU A 10 8.84 21.35 -6.15
C GLU A 10 9.30 19.91 -5.95
N THR A 11 8.57 18.98 -6.54
CA THR A 11 8.87 17.56 -6.42
C THR A 11 9.10 16.92 -7.78
N SER A 12 9.55 15.67 -7.76
CA SER A 12 9.83 14.89 -8.97
C SER A 12 8.74 15.08 -10.04
N SER A 13 8.96 14.44 -11.18
CA SER A 13 8.02 14.52 -12.30
C SER A 13 6.57 14.33 -11.85
N ASP A 14 5.64 14.63 -12.75
CA ASP A 14 4.22 14.52 -12.47
C ASP A 14 3.86 13.18 -11.85
N VAL A 15 3.73 13.20 -10.54
CA VAL A 15 3.37 12.02 -9.76
C VAL A 15 2.38 12.39 -8.68
N ALA A 16 1.13 11.95 -8.83
CA ALA A 16 0.12 12.25 -7.82
C ALA A 16 0.16 11.23 -6.71
N LEU A 17 0.92 11.56 -5.67
CA LEU A 17 1.07 10.73 -4.49
C LEU A 17 1.70 11.54 -3.36
N ALA A 18 0.86 12.06 -2.47
CA ALA A 18 1.35 12.89 -1.37
C ALA A 18 2.53 12.25 -0.65
N SER A 19 3.48 13.09 -0.24
CA SER A 19 4.68 12.62 0.44
C SER A 19 4.33 11.77 1.65
N HIS A 20 3.19 12.07 2.29
CA HIS A 20 2.76 11.33 3.46
C HIS A 20 2.62 9.84 3.15
N ILE A 21 2.17 9.53 1.94
CA ILE A 21 2.02 8.15 1.50
C ILE A 21 3.33 7.56 0.99
N LEU A 22 4.06 8.37 0.22
CA LEU A 22 5.34 7.95 -0.35
C LEU A 22 6.45 7.86 0.70
N THR A 23 6.39 8.75 1.69
CA THR A 23 7.41 8.76 2.75
C THR A 23 7.35 7.48 3.57
N ALA A 24 6.16 7.12 4.01
CA ALA A 24 5.95 5.91 4.78
C ALA A 24 6.14 4.70 3.89
N LEU A 25 5.77 4.82 2.61
CA LEU A 25 5.94 3.73 1.67
C LEU A 25 7.43 3.49 1.48
N ARG A 26 8.15 4.59 1.33
CA ARG A 26 9.59 4.56 1.17
C ARG A 26 10.23 3.83 2.36
N GLU A 27 9.51 3.82 3.49
CA GLU A 27 10.02 3.18 4.70
C GLU A 27 9.02 2.23 5.37
N LYS A 28 7.99 2.76 6.07
CA LYS A 28 7.07 1.88 6.78
C LYS A 28 5.57 2.18 6.64
N GLN A 29 5.06 2.29 5.42
CA GLN A 29 3.61 2.50 5.24
C GLN A 29 2.95 1.12 5.27
N ALA A 30 1.87 0.94 6.04
CA ALA A 30 1.26 -0.39 6.14
C ALA A 30 0.08 -0.61 5.19
N PRO A 31 0.37 -1.04 3.95
CA PRO A 31 -0.62 -1.41 2.95
C PRO A 31 -1.03 -2.84 3.21
N GLU A 32 -1.01 -3.22 4.49
CA GLU A 32 -1.42 -4.54 4.93
C GLU A 32 -2.75 -4.46 5.65
N LEU A 33 -2.69 -3.91 6.85
CA LEU A 33 -3.86 -3.73 7.69
C LEU A 33 -4.10 -2.25 8.03
N SER A 34 -3.05 -1.43 7.89
CA SER A 34 -3.19 -0.01 8.19
C SER A 34 -4.04 0.68 7.14
N LEU A 35 -4.00 0.20 5.91
CA LEU A 35 -4.79 0.80 4.86
C LEU A 35 -6.23 0.32 4.88
N SER A 36 -7.09 0.98 4.11
CA SER A 36 -8.49 0.64 4.05
C SER A 36 -8.83 -0.01 2.71
N SER A 37 -10.10 0.00 2.38
CA SER A 37 -10.59 -0.59 1.14
C SER A 37 -9.95 0.06 -0.09
N GLN A 38 -10.10 1.38 -0.21
CA GLN A 38 -9.55 2.10 -1.37
C GLN A 38 -8.04 2.30 -1.25
N ASP A 39 -7.54 2.44 -0.03
CA ASP A 39 -6.12 2.63 0.18
C ASP A 39 -5.33 1.40 -0.23
N LEU A 40 -5.75 0.25 0.28
CA LEU A 40 -5.09 -1.01 -0.05
C LEU A 40 -5.35 -1.38 -1.51
N GLU A 41 -6.50 -0.95 -2.03
CA GLU A 41 -6.86 -1.23 -3.42
C GLU A 41 -6.06 -0.37 -4.39
N LEU A 42 -6.13 0.94 -4.23
CA LEU A 42 -5.40 1.87 -5.10
C LEU A 42 -3.92 1.51 -5.10
N VAL A 43 -3.41 1.10 -3.95
CA VAL A 43 -2.02 0.69 -3.85
C VAL A 43 -1.82 -0.63 -4.57
N THR A 44 -2.85 -1.48 -4.53
CA THR A 44 -2.83 -2.76 -5.21
C THR A 44 -2.68 -2.57 -6.72
N LYS A 45 -3.07 -1.38 -7.18
CA LYS A 45 -2.97 -1.02 -8.59
C LYS A 45 -1.67 -0.28 -8.81
N GLU A 46 -0.96 -0.04 -7.71
CA GLU A 46 0.33 0.62 -7.76
C GLU A 46 1.38 -0.41 -7.41
N ASP A 47 1.60 -1.32 -8.35
CA ASP A 47 2.54 -2.42 -8.18
C ASP A 47 3.97 -1.92 -7.96
N PRO A 48 4.88 -2.86 -7.63
CA PRO A 48 6.30 -2.57 -7.36
C PRO A 48 7.00 -1.72 -8.43
N LYS A 49 6.29 -1.30 -9.46
CA LYS A 49 6.89 -0.46 -10.50
C LYS A 49 6.93 1.00 -10.06
N ALA A 50 5.77 1.52 -9.69
CA ALA A 50 5.67 2.90 -9.21
C ALA A 50 5.94 2.99 -7.72
N LEU A 51 5.26 2.14 -6.97
CA LEU A 51 5.43 2.09 -5.54
C LEU A 51 6.91 2.01 -5.21
N ALA A 52 7.63 1.22 -6.00
CA ALA A 52 9.08 1.06 -5.80
C ALA A 52 9.76 2.40 -5.82
N VAL A 53 9.53 3.16 -6.87
CA VAL A 53 10.15 4.47 -7.00
C VAL A 53 9.96 5.30 -5.74
N ALA A 54 8.79 5.19 -5.10
CA ALA A 54 8.54 5.92 -3.86
C ALA A 54 9.35 5.31 -2.73
N LEU A 55 9.63 4.02 -2.86
CA LEU A 55 10.40 3.32 -1.89
C LEU A 55 11.63 2.77 -2.55
N ASN A 56 12.25 3.56 -3.42
CA ASN A 56 13.39 3.08 -4.18
C ASN A 56 14.26 2.14 -3.37
N TRP A 57 13.90 0.88 -3.48
CA TRP A 57 14.60 -0.24 -2.85
C TRP A 57 14.78 -1.28 -3.93
N ASP A 58 15.19 -2.48 -3.56
CA ASP A 58 15.31 -3.53 -4.55
C ASP A 58 13.91 -4.00 -4.90
N ILE A 59 13.65 -4.31 -6.16
CA ILE A 59 12.34 -4.74 -6.57
C ILE A 59 11.91 -5.94 -5.78
N LYS A 60 12.83 -6.87 -5.59
CA LYS A 60 12.53 -8.03 -4.82
C LYS A 60 12.20 -7.60 -3.39
N LYS A 61 12.82 -6.51 -2.97
CA LYS A 61 12.61 -5.95 -1.64
C LYS A 61 11.29 -5.15 -1.56
N THR A 62 11.02 -4.29 -2.54
CA THR A 62 9.81 -3.49 -2.50
C THR A 62 8.61 -4.38 -2.78
N GLU A 63 8.80 -5.40 -3.61
CA GLU A 63 7.73 -6.30 -3.94
C GLU A 63 7.39 -7.20 -2.75
N THR A 64 8.42 -7.57 -2.00
CA THR A 64 8.23 -8.42 -0.82
C THR A 64 7.33 -7.73 0.18
N VAL A 65 7.59 -6.44 0.43
CA VAL A 65 6.77 -5.67 1.34
C VAL A 65 5.36 -5.59 0.78
N GLN A 66 5.28 -5.51 -0.54
CA GLN A 66 4.02 -5.45 -1.23
C GLN A 66 3.29 -6.79 -1.12
N GLU A 67 4.07 -7.88 -1.16
CA GLU A 67 3.51 -9.22 -1.06
C GLU A 67 2.82 -9.38 0.29
N ALA A 68 3.34 -8.70 1.30
CA ALA A 68 2.75 -8.74 2.63
C ALA A 68 1.43 -8.00 2.62
N CYS A 69 1.42 -6.84 1.97
CA CYS A 69 0.24 -5.99 1.87
C CYS A 69 -0.98 -6.76 1.39
N GLU A 70 -0.82 -7.56 0.35
CA GLU A 70 -1.92 -8.35 -0.19
C GLU A 70 -2.29 -9.49 0.76
N ARG A 71 -1.29 -10.30 1.11
CA ARG A 71 -1.50 -11.42 2.01
C ARG A 71 -2.16 -10.96 3.31
N GLU A 72 -1.87 -9.72 3.70
CA GLU A 72 -2.45 -9.16 4.90
C GLU A 72 -3.89 -8.75 4.66
N LEU A 73 -4.15 -8.17 3.50
CA LEU A 73 -5.49 -7.74 3.13
C LEU A 73 -6.50 -8.86 3.36
N ALA A 74 -6.16 -10.07 2.89
CA ALA A 74 -7.03 -11.22 3.05
C ALA A 74 -7.02 -11.71 4.49
N LEU A 75 -5.86 -11.58 5.14
CA LEU A 75 -5.72 -12.02 6.53
C LEU A 75 -6.67 -11.23 7.43
N ARG A 76 -6.97 -10.00 7.01
CA ARG A 76 -7.86 -9.13 7.77
C ARG A 76 -9.31 -9.58 7.60
N LEU A 77 -9.62 -10.18 6.45
CA LEU A 77 -10.97 -10.64 6.17
C LEU A 77 -11.52 -11.51 7.31
N GLN A 78 -10.61 -12.14 8.05
CA GLN A 78 -11.00 -12.99 9.17
C GLN A 78 -11.92 -12.24 10.14
N GLN A 79 -11.79 -10.92 10.16
CA GLN A 79 -12.61 -10.09 11.04
C GLN A 79 -14.10 -10.23 10.72
N THR A 80 -14.40 -10.74 9.52
CA THR A 80 -15.79 -10.92 9.10
C THR A 80 -16.39 -12.19 9.71
N GLN A 81 -15.62 -12.91 10.52
CA GLN A 81 -16.09 -14.14 11.14
C GLN A 81 -17.42 -13.91 11.86
N SER A 82 -18.47 -14.56 11.36
CA SER A 82 -19.80 -14.42 11.95
C SER A 82 -20.24 -15.73 12.59
N LEU A 83 -20.73 -15.65 13.83
CA LEU A 83 -21.20 -16.83 14.55
C LEU A 83 -22.71 -17.00 14.41
N HIS A 84 -23.13 -18.08 13.78
CA HIS A 84 -24.55 -18.35 13.58
C HIS A 84 -25.01 -19.48 14.50
N SER A 85 -24.29 -20.59 14.48
CA SER A 85 -24.63 -21.75 15.30
C SER A 85 -24.04 -21.61 16.70
N LEU A 86 -24.37 -22.54 17.58
CA LEU A 86 -23.88 -22.52 18.95
C LEU A 86 -23.26 -23.86 19.32
N ARG A 87 -22.54 -23.89 20.43
CA ARG A 87 -21.89 -25.11 20.89
C ARG A 87 -22.92 -26.16 21.26
N THR A 5 -2.35 25.03 -0.81
CA THR A 5 -2.82 23.86 -0.07
C THR A 5 -1.65 23.15 0.61
N GLY A 6 -0.47 23.21 -0.02
CA GLY A 6 0.70 22.57 0.54
C GLY A 6 0.99 21.22 -0.09
N ILE A 7 0.59 21.07 -1.35
CA ILE A 7 0.80 19.81 -2.07
C ILE A 7 2.16 19.82 -2.76
N SER A 8 2.84 18.67 -2.73
CA SER A 8 4.16 18.54 -3.35
C SER A 8 4.12 18.99 -4.81
N ARG A 9 5.01 19.91 -5.15
CA ARG A 9 5.08 20.43 -6.51
C ARG A 9 5.87 19.49 -7.42
N GLU A 10 5.15 18.74 -8.25
CA GLU A 10 5.79 17.80 -9.17
C GLU A 10 5.31 18.04 -10.59
N THR A 11 5.91 17.33 -11.54
CA THR A 11 5.55 17.48 -12.95
C THR A 11 4.04 17.29 -13.15
N SER A 12 3.54 17.76 -14.29
CA SER A 12 2.12 17.64 -14.59
C SER A 12 1.73 16.20 -14.87
N SER A 13 1.44 15.46 -13.81
CA SER A 13 1.05 14.06 -13.94
C SER A 13 -0.28 13.81 -13.25
N ASP A 14 -0.92 12.68 -13.54
CA ASP A 14 -2.19 12.34 -12.94
C ASP A 14 -2.00 11.27 -11.87
N VAL A 15 -1.89 11.70 -10.62
CA VAL A 15 -1.71 10.78 -9.50
C VAL A 15 -2.15 11.42 -8.20
N ALA A 16 -3.24 10.93 -7.63
CA ALA A 16 -3.71 11.48 -6.37
C ALA A 16 -3.11 10.69 -5.21
N LEU A 17 -2.02 11.21 -4.69
CA LEU A 17 -1.32 10.59 -3.57
C LEU A 17 -0.34 11.59 -2.94
N ALA A 18 -0.78 12.26 -1.88
CA ALA A 18 0.05 13.23 -1.19
C ALA A 18 1.39 12.63 -0.76
N SER A 19 2.40 13.48 -0.66
CA SER A 19 3.74 13.04 -0.26
C SER A 19 3.69 12.29 1.07
N HIS A 20 2.80 12.73 1.95
CA HIS A 20 2.64 12.11 3.27
C HIS A 20 2.45 10.60 3.13
N ILE A 21 1.84 10.19 2.02
CA ILE A 21 1.61 8.78 1.75
C ILE A 21 2.87 8.12 1.19
N LEU A 22 3.66 8.91 0.45
CA LEU A 22 4.89 8.41 -0.14
C LEU A 22 5.97 8.16 0.92
N THR A 23 5.96 8.97 1.98
CA THR A 23 6.94 8.82 3.05
C THR A 23 6.76 7.45 3.72
N ALA A 24 5.53 7.16 4.09
CA ALA A 24 5.19 5.89 4.72
C ALA A 24 5.33 4.76 3.71
N LEU A 25 5.13 5.06 2.43
CA LEU A 25 5.25 4.07 1.38
C LEU A 25 6.70 3.67 1.22
N ARG A 26 7.56 4.68 1.13
CA ARG A 26 8.98 4.47 0.97
C ARG A 26 9.59 3.87 2.23
N GLU A 27 8.86 3.93 3.35
CA GLU A 27 9.40 3.42 4.61
C GLU A 27 8.55 2.34 5.27
N LYS A 28 7.43 2.73 5.90
CA LYS A 28 6.59 1.74 6.60
C LYS A 28 5.10 1.81 6.26
N GLN A 29 4.74 1.52 5.02
CA GLN A 29 3.34 1.50 4.61
C GLN A 29 2.76 0.10 4.84
N ALA A 30 1.78 -0.06 5.73
CA ALA A 30 1.24 -1.38 6.00
C ALA A 30 -0.05 -1.67 5.24
N PRO A 31 0.05 -2.09 3.98
CA PRO A 31 -1.09 -2.47 3.16
C PRO A 31 -1.68 -3.78 3.69
N GLU A 32 -1.76 -3.92 5.02
CA GLU A 32 -2.37 -5.08 5.61
C GLU A 32 -3.66 -4.67 6.31
N LEU A 33 -3.48 -4.02 7.46
CA LEU A 33 -4.59 -3.50 8.25
C LEU A 33 -4.44 -1.99 8.44
N SER A 34 -3.20 -1.50 8.27
CA SER A 34 -2.93 -0.08 8.45
C SER A 34 -3.73 0.77 7.47
N LEU A 35 -3.96 0.27 6.25
CA LEU A 35 -4.72 1.07 5.28
C LEU A 35 -6.13 0.51 5.08
N SER A 36 -6.87 1.12 4.16
CA SER A 36 -8.22 0.71 3.86
C SER A 36 -8.29 -0.02 2.52
N SER A 37 -9.48 -0.05 1.95
CA SER A 37 -9.71 -0.73 0.69
C SER A 37 -9.07 -0.03 -0.51
N GLN A 38 -9.21 1.30 -0.59
CA GLN A 38 -8.65 2.05 -1.71
C GLN A 38 -7.14 2.24 -1.60
N ASP A 39 -6.64 2.37 -0.39
CA ASP A 39 -5.21 2.56 -0.20
C ASP A 39 -4.44 1.32 -0.61
N LEU A 40 -4.88 0.17 -0.10
CA LEU A 40 -4.24 -1.11 -0.44
C LEU A 40 -4.56 -1.48 -1.89
N GLU A 41 -5.70 -1.01 -2.38
CA GLU A 41 -6.12 -1.28 -3.76
C GLU A 41 -5.29 -0.48 -4.75
N LEU A 42 -5.27 0.84 -4.57
CA LEU A 42 -4.51 1.72 -5.47
C LEU A 42 -3.03 1.36 -5.44
N VAL A 43 -2.56 0.94 -4.27
CA VAL A 43 -1.16 0.55 -4.11
C VAL A 43 -0.91 -0.81 -4.76
N THR A 44 -1.87 -1.71 -4.61
CA THR A 44 -1.78 -3.03 -5.21
C THR A 44 -1.75 -2.90 -6.73
N LYS A 45 -2.16 -1.73 -7.21
CA LYS A 45 -2.17 -1.43 -8.63
C LYS A 45 -0.92 -0.64 -8.97
N GLU A 46 -0.15 -0.34 -7.93
CA GLU A 46 1.09 0.38 -8.09
C GLU A 46 2.23 -0.61 -7.93
N ASP A 47 2.39 -1.43 -8.95
CA ASP A 47 3.41 -2.48 -8.96
C ASP A 47 4.80 -1.90 -8.77
N PRO A 48 5.80 -2.79 -8.59
CA PRO A 48 7.20 -2.38 -8.34
C PRO A 48 7.65 -1.21 -9.21
N LYS A 49 7.05 -1.02 -10.37
CA LYS A 49 7.44 0.08 -11.25
C LYS A 49 7.31 1.43 -10.54
N ALA A 50 6.11 1.70 -10.00
CA ALA A 50 5.89 2.93 -9.25
C ALA A 50 6.34 2.74 -7.82
N LEU A 51 6.13 1.52 -7.34
CA LEU A 51 6.54 1.15 -6.00
C LEU A 51 8.03 1.36 -5.87
N ALA A 52 8.75 1.01 -6.94
CA ALA A 52 10.20 1.18 -6.95
C ALA A 52 10.56 2.57 -6.49
N VAL A 53 10.12 3.57 -7.25
CA VAL A 53 10.42 4.94 -6.86
C VAL A 53 9.78 5.28 -5.50
N ALA A 54 8.44 5.31 -5.43
CA ALA A 54 7.75 5.64 -4.18
C ALA A 54 8.23 4.79 -3.00
N LEU A 55 8.96 3.74 -3.30
CA LEU A 55 9.48 2.89 -2.26
C LEU A 55 10.90 2.56 -2.55
N ASN A 56 11.61 3.55 -3.10
CA ASN A 56 12.97 3.39 -3.51
C ASN A 56 13.73 2.38 -2.67
N TRP A 57 13.58 1.14 -3.12
CA TRP A 57 14.21 -0.03 -2.55
C TRP A 57 14.38 -1.03 -3.68
N ASP A 58 14.79 -2.25 -3.36
CA ASP A 58 14.90 -3.27 -4.39
C ASP A 58 13.50 -3.60 -4.89
N ILE A 59 13.35 -3.79 -6.20
CA ILE A 59 12.05 -4.07 -6.75
C ILE A 59 11.47 -5.31 -6.10
N LYS A 60 12.33 -6.30 -5.90
CA LYS A 60 11.90 -7.53 -5.30
C LYS A 60 11.51 -7.29 -3.84
N LYS A 61 12.16 -6.31 -3.23
CA LYS A 61 11.89 -5.97 -1.83
C LYS A 61 10.60 -5.17 -1.68
N THR A 62 10.29 -4.30 -2.65
CA THR A 62 9.09 -3.49 -2.58
C THR A 62 7.87 -4.35 -2.79
N GLU A 63 8.01 -5.38 -3.61
CA GLU A 63 6.92 -6.29 -3.87
C GLU A 63 6.65 -7.18 -2.67
N THR A 64 7.72 -7.54 -1.95
CA THR A 64 7.61 -8.40 -0.78
C THR A 64 6.88 -7.70 0.37
N VAL A 65 7.09 -6.39 0.50
CA VAL A 65 6.45 -5.63 1.56
C VAL A 65 4.98 -5.40 1.24
N GLN A 66 4.70 -5.14 -0.03
CA GLN A 66 3.34 -4.91 -0.48
C GLN A 66 2.56 -6.22 -0.64
N GLU A 67 3.26 -7.25 -1.11
CA GLU A 67 2.64 -8.57 -1.34
C GLU A 67 2.37 -9.29 -0.02
N ALA A 68 3.28 -9.16 0.93
CA ALA A 68 3.13 -9.80 2.22
C ALA A 68 2.05 -9.08 3.01
N CYS A 69 2.22 -7.76 3.12
CA CYS A 69 1.27 -6.92 3.82
C CYS A 69 -0.14 -7.12 3.26
N GLU A 70 -0.23 -7.42 1.96
CA GLU A 70 -1.51 -7.68 1.31
C GLU A 70 -2.14 -8.93 1.92
N ARG A 71 -1.37 -10.02 1.90
CA ARG A 71 -1.83 -11.28 2.45
C ARG A 71 -2.30 -11.09 3.89
N GLU A 72 -1.78 -10.05 4.53
CA GLU A 72 -2.16 -9.74 5.91
C GLU A 72 -3.52 -9.07 5.95
N LEU A 73 -3.81 -8.25 4.94
CA LEU A 73 -5.09 -7.56 4.87
C LEU A 73 -6.23 -8.56 4.76
N ALA A 74 -6.01 -9.64 4.02
CA ALA A 74 -7.05 -10.66 3.86
C ALA A 74 -7.11 -11.58 5.08
N LEU A 75 -5.97 -11.79 5.72
CA LEU A 75 -5.91 -12.65 6.89
C LEU A 75 -6.54 -11.96 8.10
N ARG A 76 -6.21 -10.69 8.28
CA ARG A 76 -6.75 -9.91 9.40
C ARG A 76 -8.27 -9.80 9.33
N LEU A 77 -8.81 -9.89 8.12
CA LEU A 77 -10.25 -9.81 7.93
C LEU A 77 -10.91 -11.14 8.29
N GLN A 78 -10.20 -12.24 8.01
CA GLN A 78 -10.69 -13.58 8.30
C GLN A 78 -10.52 -13.92 9.78
N GLN A 79 -9.49 -13.35 10.40
CA GLN A 79 -9.22 -13.60 11.82
C GLN A 79 -10.39 -13.16 12.70
N THR A 80 -11.25 -12.30 12.15
CA THR A 80 -12.40 -11.82 12.89
C THR A 80 -13.18 -12.97 13.53
N GLN A 81 -13.25 -14.09 12.83
CA GLN A 81 -13.95 -15.27 13.35
C GLN A 81 -13.34 -15.74 14.66
N SER A 82 -14.12 -16.48 15.44
CA SER A 82 -13.67 -17.00 16.71
C SER A 82 -13.38 -18.50 16.64
N LEU A 83 -12.12 -18.87 16.79
CA LEU A 83 -11.73 -20.28 16.75
C LEU A 83 -11.62 -20.87 18.14
N HIS A 84 -11.52 -22.19 18.21
CA HIS A 84 -11.42 -22.89 19.49
C HIS A 84 -9.96 -23.03 19.94
N SER A 85 -9.04 -22.46 19.15
CA SER A 85 -7.62 -22.54 19.47
C SER A 85 -7.06 -21.15 19.79
N LEU A 86 -6.74 -20.92 21.05
CA LEU A 86 -6.20 -19.64 21.48
C LEU A 86 -4.85 -19.37 20.82
N ARG A 87 -4.89 -18.75 19.64
CA ARG A 87 -3.66 -18.43 18.91
C ARG A 87 -2.86 -19.69 18.61
N THR A 5 -1.46 22.24 2.74
CA THR A 5 -1.63 20.83 2.37
C THR A 5 -0.29 20.17 2.08
N GLY A 6 0.53 20.84 1.27
CA GLY A 6 1.83 20.31 0.93
C GLY A 6 1.85 19.64 -0.44
N ILE A 7 0.97 20.09 -1.32
CA ILE A 7 0.88 19.52 -2.66
C ILE A 7 1.11 20.60 -3.72
N SER A 8 1.77 20.23 -4.81
CA SER A 8 2.06 21.16 -5.89
C SER A 8 0.94 21.17 -6.91
N ARG A 9 0.68 22.33 -7.50
CA ARG A 9 -0.37 22.47 -8.50
C ARG A 9 -0.11 21.56 -9.70
N GLU A 10 -0.97 20.56 -9.88
CA GLU A 10 -0.83 19.62 -10.98
C GLU A 10 -2.11 19.53 -11.79
N THR A 11 -1.99 19.11 -13.04
CA THR A 11 -3.15 18.97 -13.93
C THR A 11 -4.19 18.05 -13.30
N SER A 12 -5.40 18.06 -13.87
CA SER A 12 -6.49 17.23 -13.36
C SER A 12 -6.03 15.79 -13.15
N SER A 13 -5.57 15.50 -11.94
CA SER A 13 -5.09 14.17 -11.60
C SER A 13 -5.85 13.60 -10.41
N ASP A 14 -5.72 12.30 -10.19
CA ASP A 14 -6.37 11.62 -9.10
C ASP A 14 -5.56 11.80 -7.82
N VAL A 15 -5.76 10.90 -6.88
CA VAL A 15 -5.06 10.95 -5.61
C VAL A 15 -3.59 10.73 -5.83
N ALA A 16 -2.88 11.81 -6.12
CA ALA A 16 -1.46 11.68 -6.34
C ALA A 16 -0.76 11.53 -5.01
N LEU A 17 -0.48 10.28 -4.67
CA LEU A 17 0.20 9.91 -3.43
C LEU A 17 1.06 11.04 -2.87
N ALA A 18 0.45 11.85 -2.03
CA ALA A 18 1.14 12.98 -1.40
C ALA A 18 2.45 12.54 -0.75
N SER A 19 3.34 13.49 -0.50
CA SER A 19 4.62 13.20 0.12
C SER A 19 4.45 12.47 1.45
N HIS A 20 3.39 12.84 2.17
CA HIS A 20 3.10 12.22 3.46
C HIS A 20 2.86 10.73 3.31
N ILE A 21 2.26 10.34 2.20
CA ILE A 21 2.00 8.93 1.92
C ILE A 21 3.24 8.26 1.34
N LEU A 22 3.95 9.00 0.51
CA LEU A 22 5.16 8.50 -0.14
C LEU A 22 6.30 8.32 0.85
N THR A 23 6.44 9.25 1.79
CA THR A 23 7.50 9.17 2.78
C THR A 23 7.37 7.88 3.59
N ALA A 24 6.16 7.57 4.01
CA ALA A 24 5.89 6.36 4.75
C ALA A 24 5.98 5.15 3.84
N LEU A 25 5.66 5.33 2.56
CA LEU A 25 5.72 4.24 1.60
C LEU A 25 7.16 3.85 1.34
N ARG A 26 8.00 4.85 1.11
CA ARG A 26 9.40 4.63 0.86
C ARG A 26 10.08 4.10 2.14
N GLU A 27 9.36 4.19 3.28
CA GLU A 27 9.93 3.74 4.53
C GLU A 27 9.08 2.67 5.23
N LYS A 28 7.99 3.06 5.89
CA LYS A 28 7.17 2.07 6.61
C LYS A 28 5.66 2.24 6.45
N GLN A 29 5.16 2.25 5.22
CA GLN A 29 3.71 2.35 5.01
C GLN A 29 3.11 0.95 5.06
N ALA A 30 2.09 0.73 5.90
CA ALA A 30 1.51 -0.60 6.03
C ALA A 30 0.30 -0.83 5.13
N PRO A 31 0.54 -1.38 3.93
CA PRO A 31 -0.48 -1.75 2.98
C PRO A 31 -0.90 -3.18 3.27
N GLU A 32 -0.87 -3.52 4.56
CA GLU A 32 -1.32 -4.83 5.02
C GLU A 32 -2.60 -4.69 5.83
N LEU A 33 -2.44 -4.11 7.02
CA LEU A 33 -3.55 -3.90 7.93
C LEU A 33 -3.73 -2.41 8.25
N SER A 34 -2.65 -1.63 8.10
CA SER A 34 -2.72 -0.21 8.40
C SER A 34 -3.55 0.53 7.35
N LEU A 35 -3.58 0.00 6.13
CA LEU A 35 -4.35 0.65 5.08
C LEU A 35 -5.84 0.31 5.22
N SER A 36 -6.68 1.03 4.49
CA SER A 36 -8.11 0.82 4.53
C SER A 36 -8.57 0.11 3.26
N SER A 37 -9.85 0.22 2.98
CA SER A 37 -10.44 -0.43 1.81
C SER A 37 -9.86 0.12 0.51
N GLN A 38 -9.96 1.43 0.31
CA GLN A 38 -9.45 2.06 -0.91
C GLN A 38 -7.93 2.19 -0.89
N ASP A 39 -7.37 2.34 0.31
CA ASP A 39 -5.92 2.48 0.42
C ASP A 39 -5.23 1.19 0.01
N LEU A 40 -5.67 0.07 0.58
CA LEU A 40 -5.11 -1.23 0.25
C LEU A 40 -5.39 -1.55 -1.22
N GLU A 41 -6.52 -1.05 -1.72
CA GLU A 41 -6.90 -1.27 -3.11
C GLU A 41 -5.95 -0.51 -4.04
N LEU A 42 -5.86 0.80 -3.83
CA LEU A 42 -4.98 1.65 -4.64
C LEU A 42 -3.54 1.18 -4.50
N VAL A 43 -3.20 0.67 -3.32
CA VAL A 43 -1.86 0.15 -3.07
C VAL A 43 -1.70 -1.18 -3.78
N THR A 44 -2.78 -1.96 -3.80
CA THR A 44 -2.78 -3.25 -4.48
C THR A 44 -2.52 -3.05 -5.97
N LYS A 45 -2.71 -1.81 -6.43
CA LYS A 45 -2.48 -1.46 -7.81
C LYS A 45 -1.15 -0.76 -7.94
N GLU A 46 -0.48 -0.55 -6.80
CA GLU A 46 0.82 0.07 -6.80
C GLU A 46 1.81 -0.93 -7.37
N ASP A 47 1.74 -1.09 -8.67
CA ASP A 47 2.59 -2.05 -9.38
C ASP A 47 4.06 -1.79 -9.09
N PRO A 48 4.89 -2.85 -9.17
CA PRO A 48 6.32 -2.78 -8.90
C PRO A 48 7.00 -1.56 -9.52
N LYS A 49 6.45 -1.08 -10.63
CA LYS A 49 7.02 0.06 -11.32
C LYS A 49 6.82 1.37 -10.57
N ALA A 50 5.64 1.54 -9.96
CA ALA A 50 5.37 2.75 -9.20
C ALA A 50 5.89 2.62 -7.78
N LEU A 51 5.51 1.53 -7.13
CA LEU A 51 5.94 1.29 -5.77
C LEU A 51 7.45 1.40 -5.73
N ALA A 52 8.12 0.87 -6.76
CA ALA A 52 9.57 0.94 -6.82
C ALA A 52 10.06 2.33 -6.48
N VAL A 53 9.72 3.29 -7.34
CA VAL A 53 10.14 4.66 -7.09
C VAL A 53 9.68 5.12 -5.70
N ALA A 54 8.36 5.17 -5.46
CA ALA A 54 7.83 5.61 -4.16
C ALA A 54 8.44 4.83 -3.00
N LEU A 55 9.06 3.71 -3.31
CA LEU A 55 9.67 2.90 -2.29
C LEU A 55 11.09 2.61 -2.68
N ASN A 56 11.69 3.55 -3.37
CA ASN A 56 13.01 3.38 -3.91
C ASN A 56 13.91 2.50 -3.05
N TRP A 57 13.80 1.23 -3.37
CA TRP A 57 14.55 0.15 -2.75
C TRP A 57 14.78 -0.90 -3.81
N ASP A 58 15.26 -2.07 -3.43
CA ASP A 58 15.42 -3.14 -4.40
C ASP A 58 14.04 -3.67 -4.74
N ILE A 59 13.83 -4.09 -5.98
CA ILE A 59 12.52 -4.57 -6.38
C ILE A 59 12.14 -5.77 -5.56
N LYS A 60 13.05 -6.70 -5.43
CA LYS A 60 12.78 -7.88 -4.64
C LYS A 60 12.39 -7.45 -3.23
N LYS A 61 12.99 -6.36 -2.78
CA LYS A 61 12.73 -5.81 -1.45
C LYS A 61 11.43 -5.00 -1.41
N THR A 62 11.18 -4.16 -2.41
CA THR A 62 9.97 -3.35 -2.43
C THR A 62 8.77 -4.20 -2.76
N GLU A 63 8.97 -5.23 -3.58
CA GLU A 63 7.89 -6.11 -3.94
C GLU A 63 7.51 -6.97 -2.74
N THR A 64 8.51 -7.31 -1.93
CA THR A 64 8.28 -8.13 -0.74
C THR A 64 7.41 -7.37 0.26
N VAL A 65 7.65 -6.07 0.41
CA VAL A 65 6.85 -5.25 1.31
C VAL A 65 5.42 -5.21 0.79
N GLN A 66 5.30 -5.19 -0.53
CA GLN A 66 4.01 -5.18 -1.18
C GLN A 66 3.37 -6.58 -1.13
N GLU A 67 4.22 -7.61 -1.19
CA GLU A 67 3.76 -8.99 -1.17
C GLU A 67 3.15 -9.31 0.19
N ALA A 68 3.73 -8.74 1.23
CA ALA A 68 3.23 -8.94 2.58
C ALA A 68 1.92 -8.17 2.74
N CYS A 69 1.90 -6.99 2.13
CA CYS A 69 0.73 -6.11 2.17
C CYS A 69 -0.52 -6.82 1.66
N GLU A 70 -0.36 -7.61 0.59
CA GLU A 70 -1.48 -8.34 0.01
C GLU A 70 -1.91 -9.50 0.90
N ARG A 71 -0.93 -10.27 1.36
CA ARG A 71 -1.21 -11.41 2.23
C ARG A 71 -2.09 -11.00 3.40
N GLU A 72 -1.92 -9.76 3.85
CA GLU A 72 -2.72 -9.24 4.96
C GLU A 72 -4.09 -8.85 4.44
N LEU A 73 -4.13 -8.28 3.24
CA LEU A 73 -5.38 -7.84 2.63
C LEU A 73 -6.45 -8.94 2.68
N ALA A 74 -6.12 -10.13 2.19
CA ALA A 74 -7.07 -11.24 2.18
C ALA A 74 -7.20 -11.87 3.57
N LEU A 75 -6.11 -11.86 4.33
CA LEU A 75 -6.14 -12.44 5.68
C LEU A 75 -7.14 -11.68 6.54
N ARG A 76 -7.11 -10.36 6.41
CA ARG A 76 -8.03 -9.50 7.17
C ARG A 76 -9.44 -9.55 6.58
N LEU A 77 -9.53 -9.82 5.29
CA LEU A 77 -10.83 -9.90 4.61
C LEU A 77 -11.55 -11.19 4.99
N GLN A 78 -10.80 -12.28 5.09
CA GLN A 78 -11.38 -13.58 5.43
C GLN A 78 -11.64 -13.69 6.93
N GLN A 79 -11.06 -12.79 7.71
CA GLN A 79 -11.23 -12.81 9.16
C GLN A 79 -12.69 -12.60 9.55
N THR A 80 -13.45 -11.95 8.69
CA THR A 80 -14.87 -11.69 8.97
C THR A 80 -15.76 -12.81 8.43
N GLN A 81 -15.46 -13.29 7.23
CA GLN A 81 -16.23 -14.36 6.63
C GLN A 81 -15.78 -15.73 7.13
N SER A 82 -16.69 -16.46 7.76
CA SER A 82 -16.38 -17.79 8.30
C SER A 82 -17.13 -18.87 7.53
N LEU A 83 -16.43 -19.53 6.61
CA LEU A 83 -17.04 -20.59 5.82
C LEU A 83 -16.74 -21.96 6.42
N HIS A 84 -17.79 -22.77 6.57
CA HIS A 84 -17.63 -24.10 7.14
C HIS A 84 -17.05 -25.07 6.12
N SER A 85 -17.66 -25.10 4.93
CA SER A 85 -17.18 -25.98 3.86
C SER A 85 -16.83 -25.17 2.61
N LEU A 86 -16.14 -25.82 1.69
CA LEU A 86 -15.73 -25.16 0.44
C LEU A 86 -16.62 -25.58 -0.71
N ARG A 87 -17.46 -24.65 -1.17
CA ARG A 87 -18.37 -24.93 -2.27
C ARG A 87 -19.34 -26.05 -1.91
N THR A 5 0.64 22.31 2.70
CA THR A 5 -0.11 21.23 3.33
C THR A 5 0.29 19.87 2.78
N GLY A 6 1.18 19.86 1.78
CA GLY A 6 1.62 18.60 1.20
C GLY A 6 0.92 18.27 -0.11
N ILE A 7 0.52 19.31 -0.85
CA ILE A 7 -0.16 19.11 -2.12
C ILE A 7 0.86 18.95 -3.25
N SER A 8 0.42 18.35 -4.36
CA SER A 8 1.28 18.13 -5.51
C SER A 8 2.06 19.39 -5.88
N ARG A 9 3.28 19.20 -6.36
CA ARG A 9 4.14 20.30 -6.75
C ARG A 9 3.71 20.88 -8.09
N GLU A 10 4.40 21.93 -8.53
CA GLU A 10 4.09 22.59 -9.81
C GLU A 10 3.85 21.58 -10.92
N THR A 11 3.48 22.08 -12.10
CA THR A 11 3.20 21.23 -13.26
C THR A 11 4.17 20.06 -13.35
N SER A 12 3.75 18.92 -12.82
CA SER A 12 4.56 17.70 -12.84
C SER A 12 3.87 16.60 -13.63
N SER A 13 4.56 15.48 -13.80
CA SER A 13 4.00 14.34 -14.53
C SER A 13 2.63 13.96 -13.99
N ASP A 14 1.88 13.19 -14.76
CA ASP A 14 0.55 12.76 -14.37
C ASP A 14 0.63 11.80 -13.19
N VAL A 15 0.46 12.36 -12.00
CA VAL A 15 0.50 11.58 -10.77
C VAL A 15 -0.32 12.24 -9.68
N ALA A 16 -1.57 11.84 -9.54
CA ALA A 16 -2.40 12.39 -8.50
C ALA A 16 -2.32 11.51 -7.27
N LEU A 17 -1.47 11.92 -6.34
CA LEU A 17 -1.26 11.21 -5.12
C LEU A 17 -0.88 12.18 -4.01
N ALA A 18 -0.53 11.63 -2.86
CA ALA A 18 -0.13 12.43 -1.71
C ALA A 18 1.27 12.07 -1.25
N SER A 19 2.17 13.06 -1.24
CA SER A 19 3.55 12.83 -0.81
C SER A 19 3.60 12.14 0.55
N HIS A 20 2.61 12.45 1.38
CA HIS A 20 2.52 11.87 2.72
C HIS A 20 2.42 10.35 2.65
N ILE A 21 1.88 9.85 1.55
CA ILE A 21 1.73 8.40 1.35
C ILE A 21 3.04 7.78 0.86
N LEU A 22 3.75 8.53 0.02
CA LEU A 22 5.01 8.06 -0.54
C LEU A 22 6.12 8.05 0.49
N THR A 23 6.10 9.01 1.40
CA THR A 23 7.12 9.10 2.44
C THR A 23 7.08 7.86 3.33
N ALA A 24 5.88 7.51 3.78
CA ALA A 24 5.67 6.34 4.60
C ALA A 24 5.84 5.07 3.79
N LEU A 25 5.43 5.08 2.53
CA LEU A 25 5.57 3.91 1.68
C LEU A 25 7.04 3.64 1.45
N ARG A 26 7.78 4.70 1.15
CA ARG A 26 9.20 4.61 0.92
C ARG A 26 9.89 4.11 2.18
N GLU A 27 9.17 4.17 3.31
CA GLU A 27 9.74 3.75 4.58
C GLU A 27 8.88 2.75 5.33
N LYS A 28 7.80 3.21 5.99
CA LYS A 28 6.95 2.29 6.76
C LYS A 28 5.44 2.51 6.60
N GLN A 29 4.94 2.58 5.38
CA GLN A 29 3.48 2.74 5.19
C GLN A 29 2.83 1.37 5.17
N ALA A 30 1.65 1.24 5.81
CA ALA A 30 0.93 0.01 5.90
C ALA A 30 1.22 -0.94 4.77
N PRO A 31 2.27 -1.72 4.93
CA PRO A 31 2.64 -2.71 3.96
C PRO A 31 1.86 -3.99 4.22
N GLU A 32 1.17 -4.06 5.37
CA GLU A 32 0.39 -5.27 5.66
C GLU A 32 -1.09 -5.03 5.95
N LEU A 33 -1.39 -4.63 7.19
CA LEU A 33 -2.77 -4.43 7.61
C LEU A 33 -3.06 -2.99 8.01
N SER A 34 -2.06 -2.12 7.98
CA SER A 34 -2.32 -0.75 8.34
C SER A 34 -3.12 -0.10 7.21
N LEU A 35 -3.12 -0.72 6.02
CA LEU A 35 -3.87 -0.16 4.88
C LEU A 35 -5.37 -0.29 5.12
N SER A 36 -6.14 0.57 4.45
CA SER A 36 -7.58 0.55 4.56
C SER A 36 -8.18 0.03 3.27
N SER A 37 -9.44 0.36 3.03
CA SER A 37 -10.13 -0.09 1.82
C SER A 37 -9.48 0.46 0.55
N GLN A 38 -9.44 1.79 0.43
CA GLN A 38 -8.86 2.43 -0.75
C GLN A 38 -7.34 2.44 -0.73
N ASP A 39 -6.75 2.48 0.46
CA ASP A 39 -5.30 2.49 0.58
C ASP A 39 -4.70 1.24 -0.04
N LEU A 40 -5.35 0.11 0.22
CA LEU A 40 -4.89 -1.17 -0.31
C LEU A 40 -5.18 -1.27 -1.81
N GLU A 41 -6.29 -0.66 -2.23
CA GLU A 41 -6.69 -0.69 -3.63
C GLU A 41 -5.67 0.05 -4.50
N LEU A 42 -5.47 1.33 -4.21
CA LEU A 42 -4.53 2.15 -4.98
C LEU A 42 -3.12 1.60 -4.86
N VAL A 43 -2.78 1.02 -3.72
CA VAL A 43 -1.46 0.46 -3.51
C VAL A 43 -1.30 -0.85 -4.27
N THR A 44 -2.37 -1.64 -4.33
CA THR A 44 -2.36 -2.91 -5.04
C THR A 44 -2.09 -2.70 -6.53
N LYS A 45 -2.39 -1.50 -7.02
CA LYS A 45 -2.18 -1.16 -8.42
C LYS A 45 -0.86 -0.44 -8.59
N GLU A 46 -0.19 -0.16 -7.47
CA GLU A 46 1.11 0.49 -7.51
C GLU A 46 2.19 -0.54 -7.25
N ASP A 47 2.35 -1.44 -8.19
CA ASP A 47 3.30 -2.55 -8.09
C ASP A 47 4.75 -2.06 -7.99
N PRO A 48 5.68 -2.99 -7.67
CA PRO A 48 7.10 -2.71 -7.49
C PRO A 48 7.75 -1.85 -8.58
N LYS A 49 7.00 -1.50 -9.63
CA LYS A 49 7.55 -0.66 -10.69
C LYS A 49 7.50 0.80 -10.27
N ALA A 50 6.31 1.25 -9.90
CA ALA A 50 6.13 2.60 -9.40
C ALA A 50 6.48 2.62 -7.94
N LEU A 51 6.11 1.53 -7.26
CA LEU A 51 6.41 1.36 -5.86
C LEU A 51 7.91 1.47 -5.68
N ALA A 52 8.66 0.87 -6.61
CA ALA A 52 10.12 0.93 -6.54
C ALA A 52 10.56 2.35 -6.28
N VAL A 53 10.21 3.26 -7.18
CA VAL A 53 10.58 4.66 -7.02
C VAL A 53 10.08 5.19 -5.68
N ALA A 54 8.75 5.29 -5.51
CA ALA A 54 8.17 5.79 -4.26
C ALA A 54 8.68 5.03 -3.05
N LEU A 55 9.30 3.89 -3.30
CA LEU A 55 9.84 3.09 -2.24
C LEU A 55 11.26 2.78 -2.52
N ASN A 56 11.92 3.73 -3.16
CA ASN A 56 13.28 3.57 -3.59
C ASN A 56 14.08 2.66 -2.68
N TRP A 57 14.00 1.39 -3.04
CA TRP A 57 14.69 0.30 -2.38
C TRP A 57 15.09 -0.70 -3.44
N ASP A 58 15.49 -1.89 -3.03
CA ASP A 58 15.83 -2.92 -3.99
C ASP A 58 14.61 -3.28 -4.83
N ILE A 59 14.63 -4.45 -5.41
CA ILE A 59 13.50 -4.93 -6.21
C ILE A 59 12.68 -5.94 -5.43
N LYS A 60 13.40 -6.95 -4.91
CA LYS A 60 12.80 -8.02 -4.14
C LYS A 60 12.31 -7.49 -2.81
N LYS A 61 12.84 -6.34 -2.43
CA LYS A 61 12.45 -5.70 -1.18
C LYS A 61 11.11 -4.98 -1.34
N THR A 62 10.96 -4.24 -2.44
CA THR A 62 9.73 -3.48 -2.65
C THR A 62 8.58 -4.41 -2.97
N GLU A 63 8.87 -5.52 -3.65
CA GLU A 63 7.84 -6.47 -4.00
C GLU A 63 7.37 -7.22 -2.76
N THR A 64 8.30 -7.45 -1.84
CA THR A 64 7.99 -8.16 -0.61
C THR A 64 7.05 -7.35 0.26
N VAL A 65 7.24 -6.02 0.26
CA VAL A 65 6.37 -5.16 1.05
C VAL A 65 4.98 -5.19 0.46
N GLN A 66 4.91 -5.24 -0.87
CA GLN A 66 3.65 -5.29 -1.58
C GLN A 66 2.94 -6.62 -1.30
N GLU A 67 3.66 -7.71 -1.52
CA GLU A 67 3.10 -9.05 -1.28
C GLU A 67 2.51 -9.13 0.13
N ALA A 68 3.10 -8.37 1.05
CA ALA A 68 2.62 -8.35 2.42
C ALA A 68 1.28 -7.63 2.51
N CYS A 69 1.14 -6.53 1.78
CA CYS A 69 -0.11 -5.77 1.78
C CYS A 69 -1.29 -6.64 1.41
N GLU A 70 -1.08 -7.52 0.45
CA GLU A 70 -2.13 -8.43 0.00
C GLU A 70 -2.41 -9.52 1.03
N ARG A 71 -1.36 -10.25 1.40
CA ARG A 71 -1.47 -11.34 2.36
C ARG A 71 -2.18 -10.90 3.63
N GLU A 72 -1.92 -9.68 4.06
CA GLU A 72 -2.55 -9.16 5.27
C GLU A 72 -4.01 -8.81 5.00
N LEU A 73 -4.28 -8.31 3.80
CA LEU A 73 -5.63 -7.92 3.42
C LEU A 73 -6.62 -9.08 3.51
N ALA A 74 -6.24 -10.26 2.99
CA ALA A 74 -7.14 -11.41 3.02
C ALA A 74 -7.20 -12.03 4.42
N LEU A 75 -6.08 -12.02 5.12
CA LEU A 75 -6.03 -12.58 6.47
C LEU A 75 -7.02 -11.87 7.38
N ARG A 76 -6.94 -10.55 7.42
CA ARG A 76 -7.83 -9.74 8.24
C ARG A 76 -9.24 -9.67 7.66
N LEU A 77 -9.34 -9.81 6.35
CA LEU A 77 -10.63 -9.76 5.67
C LEU A 77 -11.59 -10.81 6.22
N GLN A 78 -11.05 -11.84 6.88
CA GLN A 78 -11.86 -12.90 7.45
C GLN A 78 -12.69 -12.40 8.62
N GLN A 79 -12.33 -11.24 9.17
CA GLN A 79 -13.04 -10.66 10.30
C GLN A 79 -14.45 -10.21 9.90
N THR A 80 -14.72 -10.17 8.60
CA THR A 80 -16.02 -9.76 8.10
C THR A 80 -17.13 -10.69 8.58
N GLN A 81 -16.74 -11.86 9.09
CA GLN A 81 -17.71 -12.85 9.59
C GLN A 81 -18.69 -12.21 10.57
N SER A 82 -19.64 -13.01 11.05
CA SER A 82 -20.65 -12.53 12.00
C SER A 82 -20.03 -11.66 13.09
N LEU A 83 -20.84 -10.75 13.63
CA LEU A 83 -20.38 -9.86 14.68
C LEU A 83 -19.97 -10.63 15.93
N HIS A 84 -19.29 -9.95 16.85
CA HIS A 84 -18.85 -10.58 18.09
C HIS A 84 -20.03 -10.87 19.01
N SER A 85 -21.01 -9.98 18.99
CA SER A 85 -22.21 -10.14 19.83
C SER A 85 -23.14 -11.20 19.25
N LEU A 86 -23.44 -12.20 20.06
CA LEU A 86 -24.33 -13.28 19.63
C LEU A 86 -25.79 -12.93 19.90
N ARG A 87 -26.70 -13.70 19.31
CA ARG A 87 -28.13 -13.47 19.49
C ARG A 87 -28.53 -12.11 18.91
N THR A 5 13.62 19.66 -1.45
CA THR A 5 12.47 20.34 -0.85
C THR A 5 11.54 19.35 -0.16
N GLY A 6 11.36 18.18 -0.78
CA GLY A 6 10.51 17.17 -0.22
C GLY A 6 9.12 17.18 -0.84
N ILE A 7 9.03 17.61 -2.09
CA ILE A 7 7.76 17.66 -2.79
C ILE A 7 7.84 16.94 -4.14
N SER A 8 6.67 16.62 -4.70
CA SER A 8 6.61 15.92 -5.98
C SER A 8 6.71 16.90 -7.14
N ARG A 9 7.35 16.46 -8.23
CA ARG A 9 7.51 17.30 -9.41
C ARG A 9 6.19 17.42 -10.17
N GLU A 10 6.17 18.30 -11.17
CA GLU A 10 4.97 18.51 -11.96
C GLU A 10 4.62 17.27 -12.77
N THR A 11 3.46 16.69 -12.46
CA THR A 11 3.00 15.49 -13.15
C THR A 11 1.56 15.65 -13.63
N SER A 12 1.22 15.01 -14.74
CA SER A 12 -0.13 15.08 -15.29
C SER A 12 -1.13 14.57 -14.26
N SER A 13 -2.42 14.73 -14.52
CA SER A 13 -3.44 14.29 -13.58
C SER A 13 -3.42 12.77 -13.46
N ASP A 14 -2.72 12.29 -12.45
CA ASP A 14 -2.61 10.87 -12.17
C ASP A 14 -3.02 10.59 -10.73
N VAL A 15 -2.58 9.46 -10.22
CA VAL A 15 -2.87 9.10 -8.84
C VAL A 15 -2.14 10.05 -7.92
N ALA A 16 -2.78 11.16 -7.61
CA ALA A 16 -2.15 12.15 -6.76
C ALA A 16 -1.80 11.53 -5.42
N LEU A 17 -0.56 11.06 -5.34
CA LEU A 17 -0.04 10.45 -4.13
C LEU A 17 0.82 11.45 -3.37
N ALA A 18 0.20 12.19 -2.46
CA ALA A 18 0.90 13.19 -1.67
C ALA A 18 2.14 12.61 -1.01
N SER A 19 3.13 13.46 -0.75
CA SER A 19 4.37 13.03 -0.11
C SER A 19 4.08 12.25 1.17
N HIS A 20 3.00 12.60 1.85
CA HIS A 20 2.62 11.94 3.08
C HIS A 20 2.36 10.46 2.83
N ILE A 21 1.88 10.14 1.63
CA ILE A 21 1.61 8.75 1.27
C ILE A 21 2.90 8.04 0.85
N LEU A 22 3.73 8.76 0.09
CA LEU A 22 4.99 8.21 -0.38
C LEU A 22 6.00 8.11 0.75
N THR A 23 5.89 9.01 1.73
CA THR A 23 6.79 9.00 2.87
C THR A 23 6.62 7.72 3.66
N ALA A 24 5.38 7.41 3.98
CA ALA A 24 5.04 6.21 4.73
C ALA A 24 5.16 4.96 3.86
N LEU A 25 4.86 5.08 2.57
CA LEU A 25 4.93 3.95 1.67
C LEU A 25 6.39 3.61 1.39
N ARG A 26 7.16 4.64 1.05
CA ARG A 26 8.56 4.50 0.79
C ARG A 26 9.28 4.02 2.05
N GLU A 27 8.58 4.05 3.19
CA GLU A 27 9.18 3.64 4.45
C GLU A 27 8.37 2.60 5.21
N LYS A 28 7.30 3.00 5.90
CA LYS A 28 6.53 2.04 6.69
C LYS A 28 5.00 2.15 6.56
N GLN A 29 4.45 2.11 5.35
CA GLN A 29 3.01 2.15 5.18
C GLN A 29 2.46 0.73 5.29
N ALA A 30 1.34 0.52 5.99
CA ALA A 30 0.83 -0.83 6.18
C ALA A 30 -0.33 -1.21 5.26
N PRO A 31 -0.05 -1.53 3.98
CA PRO A 31 -1.04 -2.02 3.03
C PRO A 31 -1.30 -3.49 3.33
N GLU A 32 -1.21 -3.83 4.63
CA GLU A 32 -1.49 -5.17 5.11
C GLU A 32 -2.77 -5.18 5.92
N LEU A 33 -2.70 -4.57 7.11
CA LEU A 33 -3.83 -4.47 8.03
C LEU A 33 -4.18 -3.02 8.34
N SER A 34 -3.21 -2.11 8.18
CA SER A 34 -3.44 -0.69 8.45
C SER A 34 -4.20 -0.06 7.30
N LEU A 35 -3.97 -0.57 6.11
CA LEU A 35 -4.61 -0.08 4.90
C LEU A 35 -6.12 0.01 5.02
N SER A 36 -6.73 0.95 4.30
CA SER A 36 -8.16 1.12 4.30
C SER A 36 -8.68 0.67 2.94
N SER A 37 -9.83 1.17 2.55
CA SER A 37 -10.42 0.80 1.26
C SER A 37 -9.59 1.31 0.09
N GLN A 38 -9.42 2.62 -0.01
CA GLN A 38 -8.67 3.24 -1.11
C GLN A 38 -7.16 3.17 -0.94
N ASP A 39 -6.68 3.16 0.30
CA ASP A 39 -5.24 3.12 0.56
C ASP A 39 -4.60 1.89 -0.07
N LEU A 40 -5.17 0.73 0.22
CA LEU A 40 -4.65 -0.52 -0.32
C LEU A 40 -5.01 -0.67 -1.80
N GLU A 41 -6.16 -0.11 -2.18
CA GLU A 41 -6.59 -0.18 -3.57
C GLU A 41 -5.59 0.50 -4.49
N LEU A 42 -5.32 1.78 -4.24
CA LEU A 42 -4.38 2.54 -5.05
C LEU A 42 -2.97 1.97 -4.92
N VAL A 43 -2.65 1.43 -3.76
CA VAL A 43 -1.33 0.85 -3.53
C VAL A 43 -1.19 -0.48 -4.25
N THR A 44 -2.27 -1.25 -4.30
CA THR A 44 -2.27 -2.55 -4.96
C THR A 44 -2.05 -2.39 -6.46
N LYS A 45 -2.39 -1.22 -6.99
CA LYS A 45 -2.22 -0.94 -8.40
C LYS A 45 -0.87 -0.28 -8.61
N GLU A 46 -0.16 -0.02 -7.51
CA GLU A 46 1.16 0.57 -7.60
C GLU A 46 2.17 -0.55 -7.73
N ASP A 47 2.13 -1.20 -8.89
CA ASP A 47 2.99 -2.34 -9.17
C ASP A 47 4.46 -2.02 -8.96
N PRO A 48 5.31 -3.07 -8.86
CA PRO A 48 6.75 -2.95 -8.62
C PRO A 48 7.48 -1.95 -9.52
N LYS A 49 6.80 -1.42 -10.53
CA LYS A 49 7.42 -0.44 -11.40
C LYS A 49 7.37 0.94 -10.75
N ALA A 50 6.18 1.30 -10.26
CA ALA A 50 6.00 2.54 -9.54
C ALA A 50 6.36 2.33 -8.09
N LEU A 51 6.08 1.12 -7.61
CA LEU A 51 6.42 0.76 -6.25
C LEU A 51 7.90 1.00 -6.07
N ALA A 52 8.69 0.57 -7.05
CA ALA A 52 10.13 0.75 -7.00
C ALA A 52 10.47 2.18 -6.61
N VAL A 53 10.12 3.13 -7.46
CA VAL A 53 10.41 4.53 -7.16
C VAL A 53 9.77 4.95 -5.83
N ALA A 54 8.42 4.96 -5.78
CA ALA A 54 7.71 5.36 -4.56
C ALA A 54 8.22 4.64 -3.32
N LEU A 55 8.96 3.56 -3.53
CA LEU A 55 9.51 2.81 -2.44
C LEU A 55 10.95 2.57 -2.67
N ASN A 56 11.58 3.51 -3.33
CA ASN A 56 12.95 3.40 -3.73
C ASN A 56 13.80 2.61 -2.74
N TRP A 57 13.77 1.33 -3.01
CA TRP A 57 14.48 0.29 -2.27
C TRP A 57 14.96 -0.73 -3.27
N ASP A 58 15.41 -1.88 -2.81
CA ASP A 58 15.84 -2.91 -3.73
C ASP A 58 14.64 -3.38 -4.57
N ILE A 59 14.73 -4.58 -5.10
CA ILE A 59 13.65 -5.17 -5.90
C ILE A 59 12.84 -6.17 -5.09
N LYS A 60 13.56 -7.18 -4.58
CA LYS A 60 12.97 -8.23 -3.79
C LYS A 60 12.53 -7.70 -2.44
N LYS A 61 13.14 -6.60 -2.04
CA LYS A 61 12.79 -5.97 -0.77
C LYS A 61 11.46 -5.23 -0.91
N THR A 62 11.29 -4.51 -2.01
CA THR A 62 10.07 -3.74 -2.23
C THR A 62 8.92 -4.68 -2.55
N GLU A 63 9.20 -5.77 -3.24
CA GLU A 63 8.18 -6.72 -3.58
C GLU A 63 7.74 -7.50 -2.35
N THR A 64 8.71 -7.80 -1.48
CA THR A 64 8.42 -8.54 -0.25
C THR A 64 7.49 -7.73 0.66
N VAL A 65 7.65 -6.41 0.66
CA VAL A 65 6.80 -5.55 1.46
C VAL A 65 5.39 -5.58 0.89
N GLN A 66 5.32 -5.61 -0.44
CA GLN A 66 4.04 -5.67 -1.13
C GLN A 66 3.40 -7.04 -0.96
N GLU A 67 4.23 -8.08 -0.99
CA GLU A 67 3.75 -9.46 -0.83
C GLU A 67 3.05 -9.62 0.51
N ALA A 68 3.59 -8.95 1.53
CA ALA A 68 3.00 -9.00 2.86
C ALA A 68 1.68 -8.25 2.87
N CYS A 69 1.63 -7.14 2.12
CA CYS A 69 0.43 -6.32 2.03
C CYS A 69 -0.79 -7.14 1.61
N GLU A 70 -0.62 -8.02 0.63
CA GLU A 70 -1.71 -8.86 0.15
C GLU A 70 -2.07 -9.95 1.14
N ARG A 71 -1.07 -10.73 1.54
CA ARG A 71 -1.28 -11.83 2.48
C ARG A 71 -2.01 -11.36 3.74
N GLU A 72 -1.69 -10.15 4.17
CA GLU A 72 -2.33 -9.59 5.37
C GLU A 72 -3.75 -9.16 5.04
N LEU A 73 -3.94 -8.60 3.85
CA LEU A 73 -5.26 -8.13 3.42
C LEU A 73 -6.31 -9.21 3.61
N ALA A 74 -6.05 -10.41 3.11
CA ALA A 74 -7.00 -11.52 3.21
C ALA A 74 -7.05 -12.07 4.63
N LEU A 75 -5.90 -12.07 5.31
CA LEU A 75 -5.83 -12.58 6.68
C LEU A 75 -6.70 -11.74 7.61
N ARG A 76 -6.58 -10.43 7.50
CA ARG A 76 -7.33 -9.51 8.35
C ARG A 76 -8.81 -9.47 7.96
N LEU A 77 -9.09 -9.66 6.68
CA LEU A 77 -10.46 -9.65 6.19
C LEU A 77 -11.17 -10.97 6.53
N GLN A 78 -10.50 -12.07 6.24
CA GLN A 78 -11.06 -13.40 6.49
C GLN A 78 -11.01 -13.77 7.97
N GLN A 79 -10.26 -13.02 8.76
CA GLN A 79 -10.14 -13.30 10.19
C GLN A 79 -11.50 -13.30 10.86
N THR A 80 -12.13 -12.13 10.95
CA THR A 80 -13.44 -12.00 11.58
C THR A 80 -14.44 -11.33 10.66
N GLN A 81 -14.00 -10.27 9.99
CA GLN A 81 -14.85 -9.51 9.08
C GLN A 81 -15.47 -10.42 8.02
N SER A 82 -16.80 -10.48 8.00
CA SER A 82 -17.53 -11.30 7.03
C SER A 82 -18.32 -10.41 6.08
N LEU A 83 -18.39 -10.82 4.81
CA LEU A 83 -19.12 -10.07 3.80
C LEU A 83 -20.62 -10.24 3.98
N HIS A 84 -21.27 -9.23 4.53
CA HIS A 84 -22.71 -9.26 4.75
C HIS A 84 -23.45 -8.54 3.62
N SER A 85 -22.95 -7.36 3.25
CA SER A 85 -23.57 -6.58 2.19
C SER A 85 -23.57 -7.35 0.87
N LEU A 86 -24.56 -7.08 0.03
CA LEU A 86 -24.68 -7.75 -1.26
C LEU A 86 -24.18 -6.85 -2.39
N ARG A 87 -22.96 -7.11 -2.86
CA ARG A 87 -22.37 -6.32 -3.94
C ARG A 87 -21.01 -6.88 -4.33
N THR A 5 3.18 9.69 -9.45
CA THR A 5 3.95 10.20 -8.32
C THR A 5 3.07 10.93 -7.31
N GLY A 6 2.25 11.85 -7.78
CA GLY A 6 1.38 12.60 -6.90
C GLY A 6 2.15 13.63 -6.09
N ILE A 7 3.25 14.11 -6.67
CA ILE A 7 4.10 15.12 -6.02
C ILE A 7 3.30 16.37 -5.64
N SER A 8 3.90 17.20 -4.79
CA SER A 8 3.28 18.44 -4.33
C SER A 8 2.45 19.11 -5.43
N ARG A 9 1.43 19.86 -5.00
CA ARG A 9 0.53 20.55 -5.93
C ARG A 9 1.27 21.09 -7.15
N GLU A 10 0.77 20.73 -8.33
CA GLU A 10 1.35 21.15 -9.60
C GLU A 10 0.29 21.84 -10.45
N THR A 11 0.70 22.29 -11.64
CA THR A 11 -0.22 22.96 -12.56
C THR A 11 -1.59 22.28 -12.59
N SER A 12 -2.61 23.00 -13.06
CA SER A 12 -3.97 22.45 -13.12
C SER A 12 -3.99 21.04 -13.70
N SER A 13 -3.79 20.06 -12.82
CA SER A 13 -3.79 18.66 -13.22
C SER A 13 -4.74 17.84 -12.35
N ASP A 14 -5.07 16.64 -12.80
CA ASP A 14 -5.95 15.75 -12.05
C ASP A 14 -5.14 14.59 -11.49
N VAL A 15 -4.79 14.67 -10.21
CA VAL A 15 -4.01 13.64 -9.56
C VAL A 15 -4.38 13.47 -8.10
N ALA A 16 -5.02 12.36 -7.78
CA ALA A 16 -5.39 12.09 -6.41
C ALA A 16 -4.28 11.26 -5.76
N LEU A 17 -3.40 11.94 -5.07
CA LEU A 17 -2.29 11.30 -4.39
C LEU A 17 -1.72 12.25 -3.33
N ALA A 18 -1.27 11.67 -2.25
CA ALA A 18 -0.69 12.44 -1.15
C ALA A 18 0.75 12.00 -0.85
N SER A 19 1.70 12.94 -0.96
CA SER A 19 3.10 12.64 -0.69
C SER A 19 3.24 11.94 0.66
N HIS A 20 2.37 12.29 1.59
CA HIS A 20 2.35 11.69 2.92
C HIS A 20 2.22 10.17 2.82
N ILE A 21 1.66 9.71 1.71
CA ILE A 21 1.51 8.28 1.46
C ILE A 21 2.82 7.71 0.94
N LEU A 22 3.48 8.47 0.06
CA LEU A 22 4.74 8.05 -0.52
C LEU A 22 5.83 7.96 0.54
N THR A 23 5.83 8.91 1.48
CA THR A 23 6.83 8.92 2.55
C THR A 23 6.80 7.59 3.32
N ALA A 24 5.60 7.13 3.61
CA ALA A 24 5.40 5.88 4.31
C ALA A 24 5.77 4.69 3.42
N LEU A 25 5.60 4.84 2.10
CA LEU A 25 5.95 3.78 1.17
C LEU A 25 7.46 3.68 1.09
N ARG A 26 8.09 4.83 0.89
CA ARG A 26 9.52 4.92 0.81
C ARG A 26 10.14 4.29 2.06
N GLU A 27 9.37 4.26 3.15
CA GLU A 27 9.87 3.71 4.41
C GLU A 27 8.96 2.64 5.04
N LYS A 28 7.87 3.05 5.72
CA LYS A 28 7.04 2.05 6.41
C LYS A 28 5.51 2.26 6.33
N GLN A 29 4.90 2.14 5.15
CA GLN A 29 3.44 2.25 5.06
C GLN A 29 2.86 0.85 5.23
N ALA A 30 1.80 0.68 6.02
CA ALA A 30 1.26 -0.65 6.27
C ALA A 30 0.07 -1.02 5.38
N PRO A 31 0.33 -1.33 4.10
CA PRO A 31 -0.69 -1.79 3.15
C PRO A 31 -1.12 -3.21 3.49
N GLU A 32 -1.14 -3.51 4.78
CA GLU A 32 -1.60 -4.80 5.25
C GLU A 32 -2.96 -4.64 5.90
N LEU A 33 -2.94 -4.00 7.06
CA LEU A 33 -4.14 -3.71 7.82
C LEU A 33 -4.29 -2.20 8.05
N SER A 34 -3.18 -1.46 7.94
CA SER A 34 -3.20 -0.02 8.15
C SER A 34 -3.92 0.70 7.03
N LEU A 35 -3.83 0.17 5.80
CA LEU A 35 -4.49 0.81 4.68
C LEU A 35 -5.99 0.50 4.69
N SER A 36 -6.77 1.25 3.92
CA SER A 36 -8.19 1.07 3.86
C SER A 36 -8.60 0.46 2.52
N SER A 37 -9.86 0.62 2.18
CA SER A 37 -10.40 0.09 0.94
C SER A 37 -9.70 0.67 -0.29
N GLN A 38 -9.76 1.99 -0.44
CA GLN A 38 -9.12 2.66 -1.58
C GLN A 38 -7.62 2.83 -1.37
N ASP A 39 -7.22 2.99 -0.13
CA ASP A 39 -5.81 3.17 0.19
C ASP A 39 -5.04 1.88 -0.07
N LEU A 40 -5.52 0.78 0.49
CA LEU A 40 -4.88 -0.51 0.29
C LEU A 40 -5.07 -1.00 -1.14
N GLU A 41 -6.18 -0.60 -1.75
CA GLU A 41 -6.49 -0.98 -3.13
C GLU A 41 -5.61 -0.22 -4.11
N LEU A 42 -5.65 1.12 -4.03
CA LEU A 42 -4.85 1.95 -4.92
C LEU A 42 -3.39 1.55 -4.84
N VAL A 43 -2.97 1.13 -3.64
CA VAL A 43 -1.60 0.67 -3.44
C VAL A 43 -1.41 -0.68 -4.12
N THR A 44 -2.46 -1.49 -4.12
CA THR A 44 -2.43 -2.79 -4.75
C THR A 44 -2.15 -2.65 -6.25
N LYS A 45 -2.41 -1.45 -6.78
CA LYS A 45 -2.20 -1.15 -8.18
C LYS A 45 -0.90 -0.37 -8.33
N GLU A 46 -0.29 -0.04 -7.20
CA GLU A 46 0.98 0.67 -7.21
C GLU A 46 2.09 -0.35 -7.37
N ASP A 47 2.16 -0.91 -8.56
CA ASP A 47 3.13 -1.95 -8.88
C ASP A 47 4.56 -1.52 -8.59
N PRO A 48 5.46 -2.51 -8.43
CA PRO A 48 6.89 -2.29 -8.13
C PRO A 48 7.62 -1.38 -9.12
N LYS A 49 6.94 -0.92 -10.15
CA LYS A 49 7.58 -0.04 -11.12
C LYS A 49 7.58 1.41 -10.62
N ALA A 50 6.39 1.91 -10.26
CA ALA A 50 6.24 3.26 -9.74
C ALA A 50 6.37 3.27 -8.23
N LEU A 51 5.57 2.45 -7.58
CA LEU A 51 5.57 2.34 -6.13
C LEU A 51 6.99 2.19 -5.62
N ALA A 52 7.82 1.47 -6.38
CA ALA A 52 9.21 1.27 -6.00
C ALA A 52 9.99 2.57 -6.05
N VAL A 53 9.89 3.29 -7.16
CA VAL A 53 10.60 4.54 -7.31
C VAL A 53 10.36 5.47 -6.13
N ALA A 54 9.17 5.39 -5.52
CA ALA A 54 8.88 6.21 -4.34
C ALA A 54 9.58 5.63 -3.13
N LEU A 55 9.82 4.34 -3.19
CA LEU A 55 10.49 3.65 -2.14
C LEU A 55 11.70 2.96 -2.71
N ASN A 56 12.42 3.66 -3.59
CA ASN A 56 13.56 3.09 -4.26
C ASN A 56 14.35 2.14 -3.37
N TRP A 57 13.93 0.90 -3.44
CA TRP A 57 14.55 -0.22 -2.74
C TRP A 57 14.78 -1.29 -3.77
N ASP A 58 15.16 -2.49 -3.34
CA ASP A 58 15.30 -3.58 -4.29
C ASP A 58 13.90 -4.06 -4.61
N ILE A 59 13.63 -4.45 -5.85
CA ILE A 59 12.30 -4.89 -6.19
C ILE A 59 11.91 -6.05 -5.32
N LYS A 60 12.83 -6.98 -5.14
CA LYS A 60 12.57 -8.15 -4.35
C LYS A 60 12.12 -7.78 -2.93
N LYS A 61 12.78 -6.80 -2.33
CA LYS A 61 12.44 -6.39 -0.97
C LYS A 61 11.20 -5.49 -0.93
N THR A 62 11.01 -4.63 -1.93
CA THR A 62 9.84 -3.76 -1.93
C THR A 62 8.61 -4.59 -2.26
N GLU A 63 8.79 -5.60 -3.09
CA GLU A 63 7.70 -6.48 -3.46
C GLU A 63 7.33 -7.35 -2.29
N THR A 64 8.35 -7.77 -1.52
CA THR A 64 8.12 -8.59 -0.35
C THR A 64 7.21 -7.88 0.62
N VAL A 65 7.38 -6.56 0.74
CA VAL A 65 6.55 -5.76 1.61
C VAL A 65 5.14 -5.71 1.04
N GLN A 66 5.06 -5.70 -0.28
CA GLN A 66 3.78 -5.68 -0.97
C GLN A 66 3.08 -7.03 -0.87
N GLU A 67 3.88 -8.10 -0.91
CA GLU A 67 3.35 -9.46 -0.81
C GLU A 67 2.66 -9.64 0.52
N ALA A 68 3.22 -9.01 1.55
CA ALA A 68 2.64 -9.08 2.88
C ALA A 68 1.35 -8.28 2.93
N CYS A 69 1.37 -7.14 2.24
CA CYS A 69 0.21 -6.26 2.18
C CYS A 69 -1.05 -7.00 1.75
N GLU A 70 -0.91 -7.85 0.73
CA GLU A 70 -2.03 -8.61 0.21
C GLU A 70 -2.45 -9.72 1.18
N ARG A 71 -1.48 -10.54 1.57
CA ARG A 71 -1.75 -11.64 2.50
C ARG A 71 -2.46 -11.14 3.75
N GLU A 72 -2.15 -9.92 4.16
CA GLU A 72 -2.78 -9.33 5.33
C GLU A 72 -4.18 -8.83 5.01
N LEU A 73 -4.33 -8.24 3.84
CA LEU A 73 -5.63 -7.72 3.39
C LEU A 73 -6.72 -8.77 3.53
N ALA A 74 -6.47 -9.97 3.00
CA ALA A 74 -7.44 -11.06 3.06
C ALA A 74 -7.50 -11.66 4.46
N LEU A 75 -6.36 -11.71 5.13
CA LEU A 75 -6.27 -12.26 6.48
C LEU A 75 -6.94 -11.32 7.47
N ARG A 76 -7.01 -10.04 7.13
CA ARG A 76 -7.59 -9.05 8.01
C ARG A 76 -9.11 -9.12 8.10
N LEU A 77 -9.76 -9.46 7.00
CA LEU A 77 -11.20 -9.56 7.06
C LEU A 77 -11.59 -10.76 7.91
N GLN A 78 -11.44 -11.94 7.34
CA GLN A 78 -11.71 -13.18 8.06
C GLN A 78 -10.45 -14.05 8.17
N GLN A 79 -10.21 -14.84 7.12
CA GLN A 79 -9.04 -15.71 7.02
C GLN A 79 -8.22 -15.35 5.78
N THR A 80 -8.81 -15.63 4.61
CA THR A 80 -8.17 -15.35 3.33
C THR A 80 -9.13 -14.60 2.41
N GLN A 81 -10.32 -14.26 2.90
CA GLN A 81 -11.35 -13.57 2.12
C GLN A 81 -10.76 -12.44 1.28
N SER A 82 -11.10 -12.45 -0.01
CA SER A 82 -10.61 -11.44 -0.94
C SER A 82 -11.73 -10.47 -1.32
N LEU A 83 -11.43 -9.52 -2.19
CA LEU A 83 -12.40 -8.51 -2.62
C LEU A 83 -13.77 -9.14 -2.90
N HIS A 84 -14.83 -8.39 -2.61
CA HIS A 84 -16.18 -8.88 -2.83
C HIS A 84 -16.54 -8.89 -4.32
N SER A 85 -16.21 -7.81 -5.01
CA SER A 85 -16.50 -7.69 -6.43
C SER A 85 -15.89 -8.86 -7.21
N LEU A 86 -16.75 -9.76 -7.67
CA LEU A 86 -16.29 -10.93 -8.42
C LEU A 86 -16.15 -10.58 -9.90
N ARG A 87 -14.94 -10.21 -10.29
CA ARG A 87 -14.66 -9.85 -11.69
C ARG A 87 -15.41 -8.60 -12.09
N THR A 5 11.48 15.46 -4.42
CA THR A 5 10.58 15.65 -3.30
C THR A 5 9.36 14.72 -3.41
N GLY A 6 8.74 14.71 -4.58
CA GLY A 6 7.58 13.86 -4.80
C GLY A 6 6.28 14.62 -4.69
N ILE A 7 6.34 15.85 -4.18
CA ILE A 7 5.15 16.67 -4.03
C ILE A 7 4.97 17.60 -5.23
N SER A 8 4.03 17.26 -6.10
CA SER A 8 3.76 18.07 -7.28
C SER A 8 3.10 19.39 -6.91
N ARG A 9 3.42 20.44 -7.67
CA ARG A 9 2.86 21.77 -7.42
C ARG A 9 1.34 21.71 -7.39
N GLU A 10 0.71 22.83 -7.01
CA GLU A 10 -0.74 22.89 -6.94
C GLU A 10 -1.35 22.90 -8.33
N THR A 11 -2.07 21.83 -8.66
CA THR A 11 -2.73 21.72 -9.96
C THR A 11 -4.17 21.27 -9.79
N SER A 12 -4.99 21.50 -10.81
CA SER A 12 -6.39 21.09 -10.76
C SER A 12 -6.63 19.89 -11.68
N SER A 13 -6.30 18.72 -11.18
CA SER A 13 -6.47 17.48 -11.94
C SER A 13 -7.23 16.44 -11.12
N ASP A 14 -7.72 15.40 -11.79
CA ASP A 14 -8.43 14.33 -11.12
C ASP A 14 -7.51 13.14 -10.92
N VAL A 15 -6.95 13.04 -9.73
CA VAL A 15 -6.04 11.95 -9.40
C VAL A 15 -6.02 11.68 -7.90
N ALA A 16 -6.39 10.47 -7.53
CA ALA A 16 -6.36 10.10 -6.13
C ALA A 16 -4.99 9.58 -5.78
N LEU A 17 -4.17 10.46 -5.24
CA LEU A 17 -2.82 10.13 -4.83
C LEU A 17 -2.31 11.17 -3.84
N ALA A 18 -1.69 10.66 -2.78
CA ALA A 18 -1.13 11.52 -1.74
C ALA A 18 0.36 11.23 -1.53
N SER A 19 1.20 12.25 -1.70
CA SER A 19 2.64 12.09 -1.53
C SER A 19 2.94 11.40 -0.20
N HIS A 20 2.14 11.72 0.81
CA HIS A 20 2.28 11.13 2.14
C HIS A 20 2.17 9.60 2.08
N ILE A 21 1.58 9.11 0.99
CA ILE A 21 1.43 7.68 0.78
C ILE A 21 2.70 7.11 0.15
N LEU A 22 3.17 7.77 -0.91
CA LEU A 22 4.37 7.36 -1.63
C LEU A 22 5.63 7.66 -0.82
N THR A 23 5.61 8.76 -0.08
CA THR A 23 6.76 9.17 0.73
C THR A 23 7.02 8.14 1.82
N ALA A 24 5.94 7.66 2.43
CA ALA A 24 6.01 6.69 3.47
C ALA A 24 6.35 5.37 2.86
N LEU A 25 5.90 5.14 1.62
CA LEU A 25 6.20 3.90 0.93
C LEU A 25 7.70 3.67 0.97
N ARG A 26 8.45 4.77 1.01
CA ARG A 26 9.89 4.69 1.13
C ARG A 26 10.20 3.74 2.29
N GLU A 27 9.35 3.85 3.33
CA GLU A 27 9.40 3.02 4.54
C GLU A 27 7.97 2.74 5.03
N LYS A 28 7.00 2.85 4.10
CA LYS A 28 5.56 2.72 4.37
C LYS A 28 5.18 2.00 5.65
N GLN A 29 4.11 2.54 6.22
CA GLN A 29 3.47 2.02 7.42
C GLN A 29 2.99 0.60 7.14
N ALA A 30 1.94 0.16 7.84
CA ALA A 30 1.42 -1.19 7.64
C ALA A 30 0.32 -1.27 6.56
N PRO A 31 0.70 -1.40 5.26
CA PRO A 31 -0.25 -1.57 4.17
C PRO A 31 -0.75 -3.01 4.17
N GLU A 32 -0.88 -3.57 5.38
CA GLU A 32 -1.40 -4.89 5.58
C GLU A 32 -2.81 -4.82 6.15
N LEU A 33 -2.88 -4.38 7.41
CA LEU A 33 -4.14 -4.22 8.10
C LEU A 33 -4.37 -2.76 8.51
N SER A 34 -3.33 -1.94 8.40
CA SER A 34 -3.42 -0.54 8.76
C SER A 34 -4.18 0.24 7.69
N LEU A 35 -3.93 -0.10 6.42
CA LEU A 35 -4.61 0.57 5.33
C LEU A 35 -6.08 0.25 5.32
N SER A 36 -6.86 1.02 4.56
CA SER A 36 -8.29 0.82 4.46
C SER A 36 -8.63 0.23 3.09
N SER A 37 -9.88 0.38 2.72
CA SER A 37 -10.37 -0.14 1.44
C SER A 37 -9.64 0.49 0.26
N GLN A 38 -9.66 1.82 0.18
CA GLN A 38 -9.01 2.52 -0.92
C GLN A 38 -7.49 2.61 -0.74
N ASP A 39 -7.05 2.66 0.51
CA ASP A 39 -5.62 2.77 0.80
C ASP A 39 -4.88 1.47 0.45
N LEU A 40 -5.36 0.37 1.02
CA LEU A 40 -4.74 -0.93 0.77
C LEU A 40 -4.95 -1.37 -0.68
N GLU A 41 -6.11 -1.04 -1.24
CA GLU A 41 -6.41 -1.41 -2.62
C GLU A 41 -5.65 -0.53 -3.61
N LEU A 42 -5.72 0.79 -3.45
CA LEU A 42 -5.01 1.71 -4.34
C LEU A 42 -3.54 1.31 -4.43
N VAL A 43 -3.01 0.89 -3.28
CA VAL A 43 -1.62 0.46 -3.21
C VAL A 43 -1.46 -0.85 -3.99
N THR A 44 -2.50 -1.69 -3.93
CA THR A 44 -2.50 -2.96 -4.64
C THR A 44 -2.43 -2.73 -6.15
N LYS A 45 -2.84 -1.53 -6.58
CA LYS A 45 -2.82 -1.16 -7.99
C LYS A 45 -1.58 -0.31 -8.25
N GLU A 46 -0.89 0.04 -7.17
CA GLU A 46 0.35 0.78 -7.26
C GLU A 46 1.47 -0.22 -7.14
N ASP A 47 1.67 -0.95 -8.21
CA ASP A 47 2.66 -2.03 -8.27
C ASP A 47 4.09 -1.54 -8.04
N PRO A 48 5.00 -2.49 -7.76
CA PRO A 48 6.43 -2.24 -7.48
C PRO A 48 7.15 -1.37 -8.51
N LYS A 49 6.45 -0.88 -9.53
CA LYS A 49 7.08 -0.03 -10.53
C LYS A 49 7.17 1.41 -10.04
N ALA A 50 6.01 1.97 -9.68
CA ALA A 50 5.95 3.34 -9.18
C ALA A 50 6.27 3.41 -7.69
N LEU A 51 5.56 2.63 -6.90
CA LEU A 51 5.79 2.62 -5.46
C LEU A 51 7.27 2.44 -5.18
N ALA A 52 7.93 1.65 -6.00
CA ALA A 52 9.36 1.40 -5.83
C ALA A 52 10.15 2.69 -5.86
N VAL A 53 9.97 3.47 -6.91
CA VAL A 53 10.69 4.72 -7.05
C VAL A 53 10.51 5.59 -5.81
N ALA A 54 9.32 5.56 -5.20
CA ALA A 54 9.09 6.32 -3.97
C ALA A 54 9.85 5.69 -2.83
N LEU A 55 10.08 4.41 -2.95
CA LEU A 55 10.80 3.68 -1.96
C LEU A 55 11.99 3.02 -2.60
N ASN A 56 12.68 3.74 -3.47
CA ASN A 56 13.80 3.18 -4.20
C ASN A 56 14.61 2.22 -3.33
N TRP A 57 14.17 0.98 -3.39
CA TRP A 57 14.80 -0.14 -2.69
C TRP A 57 15.19 -1.12 -3.76
N ASP A 58 15.53 -2.35 -3.40
CA ASP A 58 15.85 -3.34 -4.40
C ASP A 58 14.57 -3.73 -5.14
N ILE A 59 14.52 -4.96 -5.63
CA ILE A 59 13.34 -5.48 -6.32
C ILE A 59 12.57 -6.43 -5.43
N LYS A 60 13.29 -7.44 -4.97
CA LYS A 60 12.75 -8.48 -4.11
C LYS A 60 12.43 -7.92 -2.74
N LYS A 61 13.08 -6.81 -2.39
CA LYS A 61 12.86 -6.17 -1.12
C LYS A 61 11.54 -5.43 -1.16
N THR A 62 11.29 -4.68 -2.24
CA THR A 62 10.05 -3.91 -2.36
C THR A 62 8.87 -4.84 -2.53
N GLU A 63 9.08 -5.94 -3.23
CA GLU A 63 8.01 -6.88 -3.47
C GLU A 63 7.63 -7.63 -2.19
N THR A 64 8.63 -8.00 -1.40
CA THR A 64 8.37 -8.73 -0.17
C THR A 64 7.53 -7.89 0.80
N VAL A 65 7.80 -6.59 0.87
CA VAL A 65 7.03 -5.72 1.73
C VAL A 65 5.61 -5.67 1.22
N GLN A 66 5.47 -5.66 -0.10
CA GLN A 66 4.17 -5.65 -0.73
C GLN A 66 3.48 -7.00 -0.56
N GLU A 67 4.26 -8.07 -0.56
CA GLU A 67 3.74 -9.41 -0.40
C GLU A 67 2.95 -9.52 0.90
N ALA A 68 3.47 -8.88 1.94
CA ALA A 68 2.80 -8.89 3.24
C ALA A 68 1.55 -8.02 3.19
N CYS A 69 1.68 -6.83 2.62
CA CYS A 69 0.57 -5.89 2.50
C CYS A 69 -0.65 -6.50 1.82
N GLU A 70 -0.42 -7.26 0.75
CA GLU A 70 -1.51 -7.90 0.02
C GLU A 70 -2.12 -9.07 0.78
N ARG A 71 -1.25 -9.96 1.28
CA ARG A 71 -1.72 -11.12 2.01
C ARG A 71 -2.68 -10.73 3.12
N GLU A 72 -2.47 -9.55 3.69
CA GLU A 72 -3.35 -9.04 4.73
C GLU A 72 -4.62 -8.49 4.12
N LEU A 73 -4.47 -7.83 2.97
CA LEU A 73 -5.60 -7.23 2.28
C LEU A 73 -6.76 -8.23 2.13
N ALA A 74 -6.47 -9.41 1.60
CA ALA A 74 -7.51 -10.42 1.42
C ALA A 74 -7.83 -11.15 2.71
N LEU A 75 -6.85 -11.28 3.60
CA LEU A 75 -7.07 -11.96 4.87
C LEU A 75 -7.92 -11.11 5.81
N ARG A 76 -7.82 -9.80 5.66
CA ARG A 76 -8.56 -8.87 6.51
C ARG A 76 -10.01 -8.71 6.03
N LEU A 77 -10.24 -8.78 4.73
CA LEU A 77 -11.59 -8.63 4.18
C LEU A 77 -12.45 -9.86 4.49
N GLN A 78 -11.80 -11.00 4.71
CA GLN A 78 -12.52 -12.22 5.02
C GLN A 78 -12.94 -12.24 6.48
N GLN A 79 -12.16 -11.57 7.33
CA GLN A 79 -12.44 -11.51 8.76
C GLN A 79 -13.20 -10.23 9.11
N THR A 80 -13.59 -9.46 8.10
CA THR A 80 -14.32 -8.22 8.32
C THR A 80 -15.47 -8.40 9.31
N GLN A 81 -16.02 -9.60 9.36
CA GLN A 81 -17.11 -9.90 10.27
C GLN A 81 -16.71 -9.63 11.71
N SER A 82 -17.29 -8.60 12.31
CA SER A 82 -16.98 -8.24 13.69
C SER A 82 -18.05 -8.77 14.64
N LEU A 83 -17.65 -9.70 15.51
CA LEU A 83 -18.56 -10.28 16.48
C LEU A 83 -18.39 -9.63 17.85
N HIS A 84 -19.29 -8.70 18.17
CA HIS A 84 -19.22 -8.00 19.45
C HIS A 84 -20.32 -8.50 20.40
N SER A 85 -21.50 -8.76 19.84
CA SER A 85 -22.63 -9.24 20.64
C SER A 85 -22.40 -10.68 21.09
N LEU A 86 -21.91 -10.84 22.32
CA LEU A 86 -21.65 -12.16 22.87
C LEU A 86 -22.26 -12.31 24.26
N ARG A 87 -22.33 -13.53 24.75
CA ARG A 87 -22.90 -13.80 26.08
C ARG A 87 -22.63 -15.24 26.50
N THR A 5 3.11 25.23 0.95
CA THR A 5 2.11 24.30 0.44
C THR A 5 1.84 23.17 1.44
N GLY A 6 2.90 22.71 2.10
CA GLY A 6 2.77 21.64 3.07
C GLY A 6 3.12 20.29 2.50
N ILE A 7 3.94 20.29 1.45
CA ILE A 7 4.37 19.05 0.80
C ILE A 7 5.72 18.60 1.33
N SER A 8 5.88 17.28 1.42
CA SER A 8 7.14 16.68 1.90
C SER A 8 8.36 17.38 1.31
N ARG A 9 9.48 17.29 2.02
CA ARG A 9 10.75 17.91 1.58
C ARG A 9 10.97 17.73 0.07
N GLU A 10 12.08 18.28 -0.42
CA GLU A 10 12.43 18.21 -1.85
C GLU A 10 11.82 16.97 -2.50
N THR A 11 10.95 17.21 -3.49
CA THR A 11 10.27 16.13 -4.19
C THR A 11 11.24 15.27 -4.98
N SER A 12 10.74 14.10 -5.39
CA SER A 12 11.52 13.14 -6.16
C SER A 12 11.14 13.22 -7.63
N SER A 13 11.75 12.36 -8.44
CA SER A 13 11.48 12.33 -9.89
C SER A 13 9.98 12.35 -10.15
N ASP A 14 9.60 12.54 -11.42
CA ASP A 14 8.21 12.62 -11.80
C ASP A 14 7.39 11.50 -11.18
N VAL A 15 6.73 11.84 -10.09
CA VAL A 15 5.89 10.90 -9.34
C VAL A 15 4.60 11.56 -8.91
N ALA A 16 3.49 11.15 -9.50
CA ALA A 16 2.22 11.72 -9.12
C ALA A 16 1.61 10.89 -8.00
N LEU A 17 1.83 11.34 -6.78
CA LEU A 17 1.33 10.70 -5.60
C LEU A 17 1.29 11.70 -4.45
N ALA A 18 0.97 11.21 -3.28
CA ALA A 18 0.89 12.04 -2.08
C ALA A 18 2.18 11.97 -1.27
N SER A 19 2.76 13.13 -0.95
CA SER A 19 3.99 13.18 -0.19
C SER A 19 3.87 12.41 1.12
N HIS A 20 2.69 12.50 1.74
CA HIS A 20 2.45 11.81 3.01
C HIS A 20 2.40 10.31 2.82
N ILE A 21 1.96 9.87 1.65
CA ILE A 21 1.88 8.44 1.34
C ILE A 21 3.24 7.90 0.90
N LEU A 22 3.98 8.73 0.17
CA LEU A 22 5.30 8.35 -0.33
C LEU A 22 6.32 8.24 0.78
N THR A 23 6.15 9.04 1.85
CA THR A 23 7.08 8.99 2.97
C THR A 23 6.96 7.66 3.70
N ALA A 24 5.74 7.31 4.06
CA ALA A 24 5.45 6.07 4.75
C ALA A 24 5.61 4.89 3.80
N LEU A 25 5.36 5.10 2.51
CA LEU A 25 5.48 4.04 1.55
C LEU A 25 6.94 3.75 1.26
N ARG A 26 7.70 4.81 0.97
CA ARG A 26 9.10 4.67 0.70
C ARG A 26 9.82 4.05 1.90
N GLU A 27 9.16 4.04 3.06
CA GLU A 27 9.75 3.50 4.28
C GLU A 27 8.90 2.45 5.00
N LYS A 28 7.83 2.88 5.70
CA LYS A 28 7.03 1.93 6.47
C LYS A 28 5.51 2.03 6.24
N GLN A 29 5.05 1.71 5.05
CA GLN A 29 3.62 1.73 4.75
C GLN A 29 3.00 0.37 5.01
N ALA A 30 2.00 0.26 5.89
CA ALA A 30 1.39 -1.03 6.17
C ALA A 30 0.13 -1.26 5.34
N PRO A 31 0.28 -1.84 4.14
CA PRO A 31 -0.80 -2.20 3.25
C PRO A 31 -1.29 -3.59 3.63
N GLU A 32 -1.23 -3.86 4.93
CA GLU A 32 -1.71 -5.12 5.46
C GLU A 32 -3.00 -4.87 6.22
N LEU A 33 -2.84 -4.22 7.36
CA LEU A 33 -3.95 -3.85 8.23
C LEU A 33 -4.01 -2.34 8.44
N SER A 34 -2.87 -1.67 8.24
CA SER A 34 -2.80 -0.23 8.43
C SER A 34 -3.51 0.53 7.32
N LEU A 35 -3.44 0.02 6.08
CA LEU A 35 -4.10 0.71 4.97
C LEU A 35 -5.61 0.47 5.02
N SER A 36 -6.37 1.22 4.24
CA SER A 36 -7.80 1.09 4.21
C SER A 36 -8.25 0.53 2.86
N SER A 37 -9.51 0.76 2.54
CA SER A 37 -10.08 0.27 1.29
C SER A 37 -9.37 0.86 0.06
N GLN A 38 -9.34 2.19 -0.04
CA GLN A 38 -8.73 2.85 -1.19
C GLN A 38 -7.20 2.86 -1.10
N ASP A 39 -6.67 2.92 0.11
CA ASP A 39 -5.22 2.96 0.30
C ASP A 39 -4.58 1.66 -0.18
N LEU A 40 -5.08 0.55 0.34
CA LEU A 40 -4.57 -0.76 -0.04
C LEU A 40 -4.98 -1.11 -1.47
N GLU A 41 -6.13 -0.58 -1.90
CA GLU A 41 -6.63 -0.84 -3.24
C GLU A 41 -5.80 -0.10 -4.29
N LEU A 42 -5.73 1.23 -4.17
CA LEU A 42 -4.98 2.03 -5.12
C LEU A 42 -3.53 1.55 -5.22
N VAL A 43 -3.00 1.10 -4.09
CA VAL A 43 -1.63 0.59 -4.05
C VAL A 43 -1.54 -0.75 -4.76
N THR A 44 -2.62 -1.54 -4.66
CA THR A 44 -2.68 -2.85 -5.30
C THR A 44 -2.62 -2.73 -6.82
N LYS A 45 -2.94 -1.55 -7.33
CA LYS A 45 -2.92 -1.28 -8.76
C LYS A 45 -1.65 -0.53 -9.11
N GLU A 46 -0.92 -0.14 -8.07
CA GLU A 46 0.34 0.55 -8.24
C GLU A 46 1.45 -0.43 -7.93
N ASP A 47 1.68 -1.34 -8.86
CA ASP A 47 2.68 -2.39 -8.70
C ASP A 47 4.08 -1.82 -8.44
N PRO A 48 5.02 -2.69 -8.05
CA PRO A 48 6.39 -2.31 -7.71
C PRO A 48 7.04 -1.36 -8.72
N LYS A 49 6.56 -1.35 -9.95
CA LYS A 49 7.16 -0.48 -10.97
C LYS A 49 7.04 1.01 -10.59
N ALA A 50 5.83 1.44 -10.27
CA ALA A 50 5.62 2.82 -9.85
C ALA A 50 5.99 2.95 -8.39
N LEU A 51 5.58 1.96 -7.61
CA LEU A 51 5.90 1.93 -6.21
C LEU A 51 7.40 1.96 -6.04
N ALA A 52 8.11 1.25 -6.93
CA ALA A 52 9.56 1.21 -6.90
C ALA A 52 10.08 2.59 -6.60
N VAL A 53 9.81 3.52 -7.50
CA VAL A 53 10.25 4.89 -7.28
C VAL A 53 9.78 5.34 -5.91
N ALA A 54 8.45 5.38 -5.69
CA ALA A 54 7.87 5.80 -4.41
C ALA A 54 8.57 5.15 -3.22
N LEU A 55 9.33 4.09 -3.47
CA LEU A 55 10.06 3.44 -2.43
C LEU A 55 11.40 2.99 -2.96
N ASN A 56 12.05 3.85 -3.74
CA ASN A 56 13.32 3.50 -4.37
C ASN A 56 14.17 2.59 -3.49
N TRP A 57 13.90 1.32 -3.69
CA TRP A 57 14.61 0.22 -3.02
C TRP A 57 14.82 -0.86 -4.05
N ASP A 58 15.26 -2.03 -3.62
CA ASP A 58 15.41 -3.14 -4.55
C ASP A 58 14.03 -3.68 -4.85
N ILE A 59 13.78 -4.11 -6.08
CA ILE A 59 12.47 -4.62 -6.44
C ILE A 59 12.13 -5.79 -5.56
N LYS A 60 13.06 -6.73 -5.48
CA LYS A 60 12.86 -7.92 -4.68
C LYS A 60 12.40 -7.57 -3.28
N LYS A 61 13.02 -6.54 -2.70
CA LYS A 61 12.67 -6.12 -1.35
C LYS A 61 11.37 -5.32 -1.34
N THR A 62 11.13 -4.50 -2.38
CA THR A 62 9.92 -3.71 -2.46
C THR A 62 8.72 -4.62 -2.64
N GLU A 63 8.94 -5.71 -3.37
CA GLU A 63 7.88 -6.66 -3.61
C GLU A 63 7.55 -7.42 -2.33
N THR A 64 8.57 -7.69 -1.53
CA THR A 64 8.36 -8.41 -0.27
C THR A 64 7.44 -7.62 0.65
N VAL A 65 7.56 -6.30 0.62
CA VAL A 65 6.72 -5.45 1.43
C VAL A 65 5.30 -5.50 0.89
N GLN A 66 5.19 -5.57 -0.44
CA GLN A 66 3.91 -5.65 -1.11
C GLN A 66 3.28 -7.05 -0.98
N GLU A 67 4.12 -8.08 -0.96
CA GLU A 67 3.63 -9.46 -0.86
C GLU A 67 3.08 -9.76 0.52
N ALA A 68 3.73 -9.19 1.54
CA ALA A 68 3.30 -9.39 2.91
C ALA A 68 2.03 -8.58 3.17
N CYS A 69 2.04 -7.35 2.70
CA CYS A 69 0.91 -6.44 2.86
C CYS A 69 -0.37 -7.07 2.29
N GLU A 70 -0.23 -7.79 1.19
CA GLU A 70 -1.36 -8.44 0.55
C GLU A 70 -1.80 -9.65 1.36
N ARG A 71 -0.83 -10.42 1.84
CA ARG A 71 -1.11 -11.62 2.63
C ARG A 71 -2.04 -11.29 3.78
N GLU A 72 -1.91 -10.09 4.33
CA GLU A 72 -2.76 -9.64 5.43
C GLU A 72 -4.10 -9.10 4.88
N LEU A 73 -3.97 -8.32 3.82
CA LEU A 73 -5.12 -7.72 3.15
C LEU A 73 -6.11 -8.76 2.72
N ALA A 74 -5.67 -9.77 1.97
CA ALA A 74 -6.55 -10.82 1.55
C ALA A 74 -6.74 -11.78 2.71
N LEU A 75 -5.76 -11.83 3.62
CA LEU A 75 -5.88 -12.71 4.78
C LEU A 75 -7.32 -12.64 5.26
N ARG A 76 -7.84 -11.42 5.38
CA ARG A 76 -9.25 -11.29 5.76
C ARG A 76 -10.12 -11.48 4.52
N LEU A 77 -10.26 -10.40 3.73
CA LEU A 77 -11.13 -10.41 2.55
C LEU A 77 -11.07 -11.72 1.75
N GLN A 78 -9.92 -12.39 1.78
CA GLN A 78 -9.76 -13.65 1.06
C GLN A 78 -10.32 -14.83 1.85
N GLN A 79 -9.91 -14.97 3.10
CA GLN A 79 -10.36 -16.07 3.94
C GLN A 79 -11.63 -15.72 4.73
N THR A 80 -12.19 -14.54 4.48
CA THR A 80 -13.39 -14.11 5.17
C THR A 80 -14.64 -14.75 4.56
N GLN A 81 -14.61 -14.94 3.24
CA GLN A 81 -15.74 -15.54 2.54
C GLN A 81 -16.05 -16.93 3.09
N SER A 82 -17.28 -17.11 3.56
CA SER A 82 -17.69 -18.39 4.11
C SER A 82 -18.38 -19.24 3.04
N LEU A 83 -17.73 -20.33 2.65
CA LEU A 83 -18.27 -21.23 1.63
C LEU A 83 -18.96 -22.43 2.28
N HIS A 84 -20.07 -22.85 1.70
CA HIS A 84 -20.82 -23.99 2.23
C HIS A 84 -20.00 -25.27 2.11
N SER A 85 -19.30 -25.43 1.00
CA SER A 85 -18.47 -26.60 0.77
C SER A 85 -17.17 -26.52 1.57
N LEU A 86 -16.45 -27.64 1.62
CA LEU A 86 -15.17 -27.69 2.35
C LEU A 86 -14.03 -28.04 1.41
N ARG A 87 -12.81 -27.75 1.86
CA ARG A 87 -11.62 -28.03 1.06
C ARG A 87 -11.38 -29.54 0.95
#